data_9JOH
#
_entry.id   9JOH
#
_cell.length_a   54.659
_cell.length_b   138.577
_cell.length_c   63.038
_cell.angle_alpha   90.00
_cell.angle_beta   113.77
_cell.angle_gamma   90.00
#
_symmetry.space_group_name_H-M   'P 1 21 1'
#
loop_
_entity.id
_entity.type
_entity.pdbx_description
1 polymer endo-1.3-fucanase
2 branched 2-O-sulfo-alpha-L-fucopyranose-(1-3)-alpha-L-fucopyranose-(1-3)-2,4-di-O-sulfo-alpha-L-fucopyranose-(1-3)-2-O-sulfo-alpha-L-fucopyranose
3 water water
#
_entity_poly.entity_id   1
_entity_poly.type   'polypeptide(L)'
_entity_poly.pdbx_seq_one_letter_code
;MGSSHHHHHHSSGLVPRGSHMASMTGGQQMGRGSSTKNGIIELEQETEEELEQNQEIDYSNYPEFSWDTMPLYMHVRKNT
AYTDEEINYLASFPLITLEKSQAQNTYGSTEEGTLATASAIKLKNNKAKVLYYRNVVINWGNYKNDDEFISKNPSALLKN
QNNELVYMPNGSTPFFDITKSFVQEYWLKSVEDMVATPNIDGTFIDANIKVLVPSFFSSKVGVNKQAEIENSYFSMMSRL
KESLSNNLILANIIRVRPEFEENGLEYLGYFNGSYLEGFDSEAFGMSNAEYLVEGIEATQKAAQSGKIITMTLGLGEAID
NNTGIDDQREDVDLNDEELNKRVDYLLAIFLICAEKYSYVYLHDGYLATNSAVWLHQFDQYKKALGAPLGKAIKNGYIYT
RKFENLDVWLNLETQTATLTWKE
;
_entity_poly.pdbx_strand_id   A,B
#
loop_
_chem_comp.id
_chem_comp.type
_chem_comp.name
_chem_comp.formula
FUC L-saccharide, alpha linking alpha-L-fucopyranose 'C6 H12 O5'
X2Y L-saccharide, alpha linking 2,4-di-O-sulfo-alpha-L-fucopyranose 'C6 H12 O11 S2'
X6Y L-saccharide, alpha linking 2-O-sulfo-alpha-L-fucopyranose 'C6 H12 O8 S'
#
# COMPACT_ATOMS: atom_id res chain seq x y z
N LEU A 51 3.86 33.10 -13.88
CA LEU A 51 4.23 32.28 -12.73
C LEU A 51 5.19 33.00 -11.81
N GLU A 52 5.11 32.70 -10.52
CA GLU A 52 5.95 33.37 -9.53
C GLU A 52 7.42 33.23 -9.91
N GLN A 53 8.15 34.33 -9.84
CA GLN A 53 9.57 34.31 -10.14
C GLN A 53 10.36 33.89 -8.89
N ASN A 54 11.59 33.44 -9.13
CA ASN A 54 12.46 33.06 -8.03
C ASN A 54 12.99 34.29 -7.32
N GLN A 55 13.11 34.19 -5.99
CA GLN A 55 13.69 35.24 -5.17
C GLN A 55 15.21 35.21 -5.30
N GLU A 56 15.83 36.37 -5.05
CA GLU A 56 17.29 36.43 -4.97
C GLU A 56 17.78 35.52 -3.86
N ILE A 57 18.90 34.82 -4.10
CA ILE A 57 19.33 33.76 -3.19
C ILE A 57 19.85 34.35 -1.89
N ASP A 58 19.36 33.85 -0.77
CA ASP A 58 19.85 34.22 0.55
C ASP A 58 20.00 32.92 1.32
N TYR A 59 21.22 32.57 1.67
CA TYR A 59 21.51 31.30 2.34
C TYR A 59 21.43 31.39 3.86
N SER A 60 20.96 32.51 4.40
CA SER A 60 20.98 32.73 5.85
C SER A 60 20.33 31.59 6.63
N ASN A 61 19.22 31.06 6.14
CA ASN A 61 18.45 30.06 6.88
C ASN A 61 18.62 28.66 6.33
N TYR A 62 19.62 28.45 5.49
CA TYR A 62 19.81 27.15 4.90
C TYR A 62 20.46 26.19 5.87
N PRO A 63 20.31 24.90 5.63
CA PRO A 63 20.94 23.89 6.49
C PRO A 63 22.45 23.90 6.32
N GLU A 64 23.13 23.20 7.23
CA GLU A 64 24.54 22.95 7.04
C GLU A 64 24.75 22.09 5.81
N PHE A 65 25.91 22.24 5.18
CA PHE A 65 26.27 21.45 4.02
C PHE A 65 27.78 21.28 3.99
N SER A 66 28.24 20.09 3.65
CA SER A 66 29.65 19.85 3.39
C SER A 66 29.77 18.83 2.28
N TRP A 67 30.79 18.98 1.47
CA TRP A 67 31.15 17.97 0.48
C TRP A 67 32.04 16.87 1.06
N ASP A 68 32.39 16.93 2.34
CA ASP A 68 33.43 16.01 2.84
C ASP A 68 33.01 14.55 2.65
N THR A 69 31.75 14.23 2.96
CA THR A 69 31.14 12.92 2.77
C THR A 69 29.75 13.14 2.21
N MET A 70 29.04 12.04 1.87
CA MET A 70 27.72 12.15 1.28
C MET A 70 26.79 13.08 2.04
N PRO A 71 26.17 14.04 1.36
CA PRO A 71 25.17 14.90 2.03
C PRO A 71 23.84 14.16 2.08
N LEU A 72 23.33 13.97 3.29
CA LEU A 72 22.19 13.08 3.55
C LEU A 72 20.95 13.83 4.03
N TYR A 73 19.78 13.35 3.55
CA TYR A 73 18.46 13.83 3.94
C TYR A 73 17.72 12.73 4.71
N MET A 74 16.88 13.14 5.65
CA MET A 74 16.01 12.20 6.34
C MET A 74 14.58 12.69 6.23
N HIS A 75 13.66 11.74 6.08
CA HIS A 75 12.24 12.01 5.81
C HIS A 75 11.53 10.86 6.52
N VAL A 76 10.82 11.14 7.60
CA VAL A 76 10.48 10.06 8.54
C VAL A 76 9.24 10.31 9.36
N ARG A 77 8.58 9.18 9.72
CA ARG A 77 7.56 9.13 10.75
C ARG A 77 7.75 7.84 11.56
N LYS A 78 7.09 7.84 12.71
CA LYS A 78 7.00 6.69 13.60
C LYS A 78 5.73 6.89 14.40
N ASN A 79 4.99 5.80 14.72
CA ASN A 79 3.70 5.97 15.35
C ASN A 79 3.80 6.30 16.84
N THR A 80 4.95 5.99 17.43
CA THR A 80 5.26 6.29 18.82
C THR A 80 6.54 7.08 18.88
N ALA A 81 6.86 7.58 20.08
CA ALA A 81 8.05 8.41 20.26
C ALA A 81 9.31 7.69 19.81
N TYR A 82 10.24 8.46 19.26
CA TYR A 82 11.57 7.94 18.97
C TYR A 82 12.31 7.59 20.27
N THR A 83 13.11 6.55 20.22
CA THR A 83 14.01 6.26 21.35
C THR A 83 15.12 7.30 21.37
N ASP A 84 15.90 7.32 22.47
CA ASP A 84 17.04 8.24 22.52
C ASP A 84 18.01 7.94 21.39
N GLU A 85 18.29 6.67 21.12
CA GLU A 85 19.19 6.30 20.04
C GLU A 85 18.66 6.81 18.71
N GLU A 86 17.34 6.69 18.50
CA GLU A 86 16.75 7.20 17.26
C GLU A 86 16.86 8.72 17.15
N ILE A 87 16.64 9.43 18.25
CA ILE A 87 16.86 10.89 18.22
C ILE A 87 18.28 11.23 17.85
N ASN A 88 19.26 10.52 18.42
CA ASN A 88 20.65 10.78 18.05
C ASN A 88 20.87 10.55 16.57
N TYR A 89 20.26 9.49 16.01
CA TYR A 89 20.38 9.26 14.57
C TYR A 89 19.76 10.41 13.77
N LEU A 90 18.53 10.80 14.10
CA LEU A 90 17.90 11.90 13.38
C LEU A 90 18.76 13.15 13.43
N ALA A 91 19.29 13.48 14.61
CA ALA A 91 20.07 14.71 14.81
C ALA A 91 21.37 14.73 14.03
N SER A 92 21.83 13.58 13.54
CA SER A 92 23.03 13.52 12.72
C SER A 92 22.80 13.94 11.27
N PHE A 93 21.55 14.13 10.84
CA PHE A 93 21.26 14.53 9.46
C PHE A 93 21.14 16.04 9.39
N PRO A 94 21.63 16.67 8.33
CA PRO A 94 21.55 18.13 8.24
C PRO A 94 20.16 18.66 7.97
N LEU A 95 19.29 17.86 7.37
CA LEU A 95 17.95 18.32 6.99
C LEU A 95 17.01 17.13 7.18
N ILE A 96 15.96 17.34 7.95
CA ILE A 96 15.00 16.30 8.34
C ILE A 96 13.60 16.82 8.08
N THR A 97 12.81 16.04 7.35
CA THR A 97 11.36 16.30 7.27
C THR A 97 10.62 15.32 8.17
N LEU A 98 9.79 15.88 9.04
CA LEU A 98 8.87 15.09 9.86
C LEU A 98 7.55 14.97 9.13
N GLU A 99 7.24 13.74 8.70
CA GLU A 99 6.00 13.38 8.01
C GLU A 99 4.79 13.53 8.90
N LYS A 100 3.63 13.42 8.24
CA LYS A 100 2.38 13.22 8.91
C LYS A 100 2.43 11.95 9.75
N SER A 101 1.42 11.80 10.62
CA SER A 101 1.37 10.72 11.60
C SER A 101 2.67 10.66 12.37
N GLN A 102 2.94 11.75 13.09
CA GLN A 102 4.20 11.92 13.79
C GLN A 102 4.01 11.61 15.27
N ALA A 103 4.29 10.36 15.65
CA ALA A 103 4.32 9.89 17.06
C ALA A 103 2.97 10.07 17.75
N GLN A 104 1.88 10.02 16.99
CA GLN A 104 0.56 10.30 17.53
C GLN A 104 0.09 9.27 18.54
N ASN A 105 0.64 8.07 18.55
CA ASN A 105 0.17 7.08 19.53
C ASN A 105 0.87 7.27 20.85
N THR A 106 1.89 8.12 20.94
CA THR A 106 2.48 8.55 22.21
C THR A 106 1.94 9.88 22.66
N TYR A 107 1.88 10.86 21.75
CA TYR A 107 1.55 12.24 22.08
C TYR A 107 0.13 12.63 21.76
N GLY A 108 -0.67 11.73 21.23
CA GLY A 108 -2.09 11.95 20.97
C GLY A 108 -2.41 12.56 19.64
N SER A 109 -1.46 13.23 19.00
CA SER A 109 -1.70 13.96 17.77
C SER A 109 -0.35 14.16 17.10
N THR A 110 -0.41 14.36 15.78
CA THR A 110 0.78 14.76 15.04
C THR A 110 1.31 16.10 15.49
N GLU A 111 0.44 17.05 15.81
CA GLU A 111 0.95 18.35 16.21
C GLU A 111 1.82 18.23 17.44
N GLU A 112 1.36 17.51 18.47
CA GLU A 112 2.16 17.34 19.68
C GLU A 112 3.35 16.42 19.48
N GLY A 113 3.21 15.38 18.66
CA GLY A 113 4.34 14.51 18.40
C GLY A 113 5.43 15.19 17.63
N THR A 114 5.07 16.12 16.77
CA THR A 114 6.04 16.91 16.05
C THR A 114 6.81 17.81 17.01
N LEU A 115 6.09 18.54 17.87
CA LEU A 115 6.76 19.42 18.82
C LEU A 115 7.73 18.64 19.70
N ALA A 116 7.33 17.47 20.17
CA ALA A 116 8.20 16.71 21.06
C ALA A 116 9.40 16.18 20.30
N THR A 117 9.19 15.68 19.07
CA THR A 117 10.31 15.15 18.33
C THR A 117 11.30 16.25 18.00
N ALA A 118 10.81 17.38 17.49
CA ALA A 118 11.69 18.48 17.13
C ALA A 118 12.47 18.98 18.33
N SER A 119 11.81 19.12 19.50
CA SER A 119 12.55 19.57 20.68
C SER A 119 13.70 18.60 20.99
N ALA A 120 13.44 17.31 20.92
CA ALA A 120 14.48 16.34 21.24
C ALA A 120 15.62 16.37 20.23
N ILE A 121 15.31 16.49 18.94
CA ILE A 121 16.37 16.62 17.94
C ILE A 121 17.23 17.83 18.25
N LYS A 122 16.59 18.99 18.51
CA LYS A 122 17.36 20.23 18.67
C LYS A 122 18.21 20.22 19.93
N LEU A 123 17.79 19.52 20.96
CA LEU A 123 18.63 19.43 22.16
C LEU A 123 19.87 18.61 21.90
N LYS A 124 19.82 17.68 20.95
CA LYS A 124 21.00 16.92 20.60
C LYS A 124 21.86 17.66 19.59
N ASN A 125 21.28 18.27 18.58
CA ASN A 125 22.05 19.01 17.58
C ASN A 125 21.23 20.21 17.11
N ASN A 126 21.52 21.39 17.64
CA ASN A 126 20.70 22.56 17.34
C ASN A 126 20.92 23.06 15.92
N LYS A 127 21.90 22.53 15.21
CA LYS A 127 22.15 22.91 13.83
C LYS A 127 21.33 22.09 12.83
N ALA A 128 20.73 20.98 13.25
CA ALA A 128 19.89 20.20 12.34
C ALA A 128 18.67 21.01 11.97
N LYS A 129 18.33 21.04 10.69
CA LYS A 129 17.11 21.71 10.25
C LYS A 129 15.95 20.74 10.19
N VAL A 130 14.82 21.16 10.75
CA VAL A 130 13.64 20.30 10.89
C VAL A 130 12.47 20.96 10.19
N LEU A 131 11.89 20.25 9.23
CA LEU A 131 10.74 20.71 8.48
C LEU A 131 9.45 19.98 8.87
N TYR A 132 8.36 20.73 8.88
CA TYR A 132 7.03 20.21 9.17
C TYR A 132 6.32 19.89 7.87
N TYR A 133 5.92 18.63 7.69
CA TYR A 133 5.14 18.25 6.50
C TYR A 133 3.77 18.89 6.55
N ARG A 134 3.32 19.40 5.40
CA ARG A 134 1.93 19.81 5.29
C ARG A 134 1.45 19.54 3.88
N ASN A 135 0.35 18.81 3.78
CA ASN A 135 -0.28 18.55 2.49
C ASN A 135 -1.24 19.68 2.16
N VAL A 136 -1.11 20.25 0.96
CA VAL A 136 -1.90 21.43 0.59
C VAL A 136 -3.33 21.09 0.26
N VAL A 137 -3.66 19.85 -0.07
CA VAL A 137 -5.03 19.50 -0.42
C VAL A 137 -5.62 18.23 0.16
N ILE A 138 -4.80 17.28 0.60
CA ILE A 138 -5.33 16.02 1.12
C ILE A 138 -5.48 16.09 2.64
N ASN A 139 -6.65 15.71 3.13
CA ASN A 139 -7.01 15.76 4.55
C ASN A 139 -6.68 14.42 5.22
N TRP A 140 -5.38 14.09 5.29
CA TRP A 140 -4.90 12.91 5.96
C TRP A 140 -5.23 12.96 7.45
N GLY A 141 -5.24 11.78 8.09
CA GLY A 141 -5.61 11.67 9.47
C GLY A 141 -4.48 12.06 10.43
N ASN A 142 -4.84 12.10 11.72
CA ASN A 142 -4.00 12.23 12.90
C ASN A 142 -3.58 13.64 13.24
N TYR A 143 -4.17 14.66 12.59
CA TYR A 143 -4.00 16.05 13.03
C TYR A 143 -5.19 16.39 13.91
N LYS A 144 -4.96 16.60 15.21
CA LYS A 144 -6.07 16.89 16.09
C LYS A 144 -6.80 18.18 15.68
N ASN A 145 -6.06 19.18 15.24
CA ASN A 145 -6.71 20.45 14.90
C ASN A 145 -7.49 20.31 13.60
N ASP A 146 -7.00 19.52 12.65
CA ASP A 146 -7.75 19.31 11.43
C ASP A 146 -9.04 18.55 11.70
N ASP A 147 -8.97 17.52 12.53
CA ASP A 147 -10.17 16.75 12.86
C ASP A 147 -11.24 17.66 13.45
N GLU A 148 -10.85 18.56 14.35
CA GLU A 148 -11.80 19.49 14.97
C GLU A 148 -12.35 20.46 13.93
N PHE A 149 -11.47 21.03 13.11
CA PHE A 149 -11.87 21.96 12.06
C PHE A 149 -12.88 21.34 11.11
N ILE A 150 -12.64 20.13 10.64
CA ILE A 150 -13.55 19.50 9.69
C ILE A 150 -14.85 19.08 10.37
N SER A 151 -14.76 18.61 11.62
CA SER A 151 -15.98 18.26 12.35
C SER A 151 -16.89 19.46 12.50
N LYS A 152 -16.32 20.61 12.85
CA LYS A 152 -17.08 21.82 13.08
C LYS A 152 -17.49 22.48 11.79
N ASN A 153 -16.82 22.20 10.67
CA ASN A 153 -17.02 22.94 9.43
C ASN A 153 -17.02 21.97 8.26
N PRO A 154 -18.06 21.17 8.11
CA PRO A 154 -18.06 20.18 7.02
C PRO A 154 -17.97 20.81 5.63
N SER A 155 -18.33 22.09 5.50
CA SER A 155 -18.22 22.77 4.21
C SER A 155 -16.77 23.00 3.79
N ALA A 156 -15.81 22.66 4.65
CA ALA A 156 -14.41 22.81 4.28
C ALA A 156 -13.92 21.76 3.29
N LEU A 157 -14.68 20.67 3.06
CA LEU A 157 -14.21 19.59 2.20
C LEU A 157 -14.69 19.74 0.77
N LEU A 158 -13.89 19.21 -0.15
CA LEU A 158 -14.11 19.38 -1.59
C LEU A 158 -15.19 18.45 -2.13
N LYS A 159 -16.09 19.03 -2.93
CA LYS A 159 -17.16 18.30 -3.57
C LYS A 159 -17.13 18.48 -5.07
N ASN A 160 -17.69 17.50 -5.78
CA ASN A 160 -17.85 17.56 -7.21
C ASN A 160 -19.06 18.42 -7.56
N GLN A 161 -19.35 18.50 -8.87
CA GLN A 161 -20.38 19.41 -9.34
C GLN A 161 -21.76 18.88 -8.98
N ASN A 162 -21.88 17.61 -8.61
CA ASN A 162 -23.10 17.02 -8.10
C ASN A 162 -23.18 17.06 -6.59
N ASN A 163 -22.34 17.88 -5.93
CA ASN A 163 -22.40 18.08 -4.48
C ASN A 163 -22.01 16.84 -3.70
N GLU A 164 -21.15 15.98 -4.25
CA GLU A 164 -20.69 14.79 -3.54
C GLU A 164 -19.23 14.95 -3.14
N LEU A 165 -18.92 14.49 -1.93
CA LEU A 165 -17.51 14.47 -1.51
C LEU A 165 -16.71 13.58 -2.43
N VAL A 166 -15.50 14.00 -2.74
CA VAL A 166 -14.56 13.21 -3.55
C VAL A 166 -13.39 12.76 -2.66
N TYR A 167 -12.74 11.67 -3.06
CA TYR A 167 -11.81 10.95 -2.19
C TYR A 167 -10.58 10.51 -2.95
N MET A 168 -9.54 10.22 -2.14
CA MET A 168 -8.34 9.53 -2.59
C MET A 168 -8.70 8.07 -2.91
N PRO A 169 -7.76 7.31 -3.43
CA PRO A 169 -8.08 5.92 -3.84
C PRO A 169 -8.58 5.04 -2.73
N ASN A 170 -8.29 5.33 -1.46
CA ASN A 170 -8.85 4.54 -0.36
C ASN A 170 -10.34 4.76 -0.17
N GLY A 171 -10.93 5.74 -0.85
CA GLY A 171 -12.36 5.97 -0.74
C GLY A 171 -12.81 6.61 0.53
N SER A 172 -11.89 7.06 1.38
CA SER A 172 -12.23 7.62 2.68
C SER A 172 -11.47 8.88 3.04
N THR A 173 -10.26 9.13 2.50
CA THR A 173 -9.54 10.35 2.78
C THR A 173 -10.01 11.43 1.79
N PRO A 174 -10.60 12.52 2.28
CA PRO A 174 -11.11 13.58 1.41
C PRO A 174 -10.08 14.68 1.23
N PHE A 175 -10.50 15.76 0.57
CA PHE A 175 -9.63 16.89 0.27
C PHE A 175 -10.14 18.18 0.86
N PHE A 176 -9.22 19.06 1.25
CA PHE A 176 -9.62 20.43 1.61
C PHE A 176 -10.07 21.17 0.35
N ASP A 177 -11.19 21.90 0.45
CA ASP A 177 -11.57 22.81 -0.64
C ASP A 177 -10.88 24.15 -0.44
N ILE A 178 -9.67 24.25 -0.97
CA ILE A 178 -8.83 25.42 -0.72
C ILE A 178 -9.35 26.63 -1.51
N THR A 179 -10.41 26.48 -2.31
CA THR A 179 -11.00 27.66 -2.97
C THR A 179 -11.77 28.53 -1.98
N LYS A 180 -12.12 28.00 -0.82
CA LYS A 180 -12.86 28.73 0.21
C LYS A 180 -11.93 29.51 1.11
N SER A 181 -12.23 30.80 1.25
CA SER A 181 -11.38 31.68 2.06
C SER A 181 -11.13 31.11 3.45
N PHE A 182 -12.15 30.58 4.12
CA PHE A 182 -11.91 30.18 5.51
C PHE A 182 -11.02 28.96 5.59
N VAL A 183 -11.02 28.13 4.54
CA VAL A 183 -10.10 27.00 4.49
C VAL A 183 -8.68 27.47 4.24
N GLN A 184 -8.51 28.41 3.32
CA GLN A 184 -7.18 28.98 3.12
C GLN A 184 -6.63 29.55 4.41
N GLU A 185 -7.45 30.30 5.14
CA GLU A 185 -6.97 30.94 6.36
C GLU A 185 -6.63 29.90 7.42
N TYR A 186 -7.47 28.88 7.58
CA TYR A 186 -7.16 27.82 8.52
C TYR A 186 -5.85 27.16 8.17
N TRP A 187 -5.66 26.80 6.90
CA TRP A 187 -4.51 26.02 6.51
C TRP A 187 -3.25 26.86 6.67
N LEU A 188 -3.25 28.09 6.18
CA LEU A 188 -2.08 28.96 6.30
C LEU A 188 -1.70 29.17 7.76
N LYS A 189 -2.70 29.46 8.59
CA LYS A 189 -2.42 29.65 10.01
C LYS A 189 -1.84 28.39 10.63
N SER A 190 -2.33 27.20 10.24
CA SER A 190 -1.79 25.98 10.85
C SER A 190 -0.31 25.85 10.54
N VAL A 191 0.11 26.19 9.33
CA VAL A 191 1.51 26.06 8.94
C VAL A 191 2.33 27.13 9.64
N GLU A 192 1.88 28.38 9.56
CA GLU A 192 2.62 29.48 10.19
C GLU A 192 2.77 29.28 11.68
N ASP A 193 1.73 28.81 12.37
CA ASP A 193 1.81 28.63 13.81
C ASP A 193 2.83 27.55 14.15
N MET A 194 2.85 26.43 13.41
CA MET A 194 3.84 25.39 13.70
C MET A 194 5.25 25.86 13.40
N VAL A 195 5.45 26.52 12.27
CA VAL A 195 6.78 26.95 11.91
C VAL A 195 7.29 28.00 12.90
N ALA A 196 6.40 28.79 13.51
CA ALA A 196 6.84 29.83 14.45
C ALA A 196 7.38 29.25 15.73
N THR A 197 7.15 27.96 16.02
CA THR A 197 7.64 27.37 17.27
C THR A 197 9.16 27.19 17.22
N PRO A 198 9.83 27.05 18.35
CA PRO A 198 11.29 27.27 18.36
C PRO A 198 12.10 26.21 17.64
N ASN A 199 11.60 24.98 17.54
CA ASN A 199 12.39 23.85 17.08
C ASN A 199 12.03 23.43 15.66
N ILE A 200 11.17 24.20 15.00
CA ILE A 200 10.80 23.96 13.60
C ILE A 200 11.37 25.06 12.74
N ASP A 201 12.06 24.68 11.67
CA ASP A 201 12.74 25.64 10.79
C ASP A 201 11.97 25.95 9.53
N GLY A 202 10.97 25.17 9.18
CA GLY A 202 10.29 25.39 7.93
C GLY A 202 9.28 24.30 7.71
N THR A 203 8.81 24.24 6.45
CA THR A 203 7.74 23.33 6.09
C THR A 203 8.08 22.67 4.78
N PHE A 204 7.58 21.44 4.66
CA PHE A 204 7.61 20.63 3.44
C PHE A 204 6.18 20.62 2.89
N ILE A 205 5.97 21.29 1.76
CA ILE A 205 4.66 21.35 1.14
C ILE A 205 4.49 20.20 0.16
N ASP A 206 3.41 19.42 0.33
CA ASP A 206 3.15 18.26 -0.48
C ASP A 206 1.86 18.47 -1.26
N ALA A 207 1.81 17.77 -2.40
CA ALA A 207 0.66 17.63 -3.31
C ALA A 207 0.48 18.79 -4.27
N ASN A 208 1.53 19.60 -4.38
CA ASN A 208 1.57 20.61 -5.41
C ASN A 208 1.24 20.04 -6.76
N ILE A 209 1.76 18.87 -7.06
CA ILE A 209 1.61 18.28 -8.40
C ILE A 209 0.17 17.82 -8.63
N LYS A 210 -0.54 17.39 -7.58
CA LYS A 210 -1.96 17.08 -7.71
C LYS A 210 -2.77 18.31 -8.05
N VAL A 211 -2.40 19.49 -7.53
CA VAL A 211 -3.03 20.74 -7.93
C VAL A 211 -2.72 21.07 -9.36
N LEU A 212 -1.46 20.93 -9.76
CA LEU A 212 -0.97 21.54 -10.98
C LEU A 212 -1.13 20.67 -12.23
N VAL A 213 -1.29 19.37 -12.11
CA VAL A 213 -1.60 18.51 -13.24
C VAL A 213 -3.11 18.54 -13.43
N PRO A 214 -3.62 19.21 -14.49
CA PRO A 214 -5.07 19.49 -14.49
C PRO A 214 -5.96 18.28 -14.35
N SER A 215 -5.55 17.12 -14.89
CA SER A 215 -6.46 15.98 -14.88
C SER A 215 -6.72 15.43 -13.50
N PHE A 216 -5.80 15.66 -12.54
CA PHE A 216 -6.01 15.05 -11.23
C PHE A 216 -7.32 15.52 -10.61
N PHE A 217 -7.54 16.83 -10.52
CA PHE A 217 -8.81 17.32 -10.02
C PHE A 217 -9.88 17.49 -11.08
N SER A 218 -9.51 17.73 -12.35
CA SER A 218 -10.64 17.91 -13.29
C SER A 218 -11.44 16.63 -13.45
N SER A 219 -10.80 15.46 -13.31
CA SER A 219 -11.48 14.19 -13.39
C SER A 219 -12.34 13.88 -12.18
N LYS A 220 -12.23 14.68 -11.11
CA LYS A 220 -12.99 14.52 -9.89
C LYS A 220 -14.07 15.59 -9.71
N VAL A 221 -13.74 16.85 -10.03
CA VAL A 221 -14.59 17.98 -9.69
C VAL A 221 -14.83 18.90 -10.87
N GLY A 222 -14.30 18.56 -12.06
CA GLY A 222 -14.54 19.34 -13.26
C GLY A 222 -13.47 20.36 -13.56
N VAL A 223 -13.48 20.87 -14.80
CA VAL A 223 -12.42 21.76 -15.30
C VAL A 223 -12.42 23.10 -14.56
N ASN A 224 -13.61 23.70 -14.36
CA ASN A 224 -13.60 25.01 -13.74
C ASN A 224 -13.11 24.93 -12.28
N LYS A 225 -13.57 23.93 -11.55
CA LYS A 225 -13.16 23.80 -10.15
C LYS A 225 -11.65 23.53 -10.04
N GLN A 226 -11.09 22.76 -10.99
CA GLN A 226 -9.63 22.56 -10.97
C GLN A 226 -8.90 23.87 -11.14
N ALA A 227 -9.38 24.73 -12.07
CA ALA A 227 -8.71 26.02 -12.24
C ALA A 227 -8.82 26.88 -11.01
N GLU A 228 -9.96 26.81 -10.33
CA GLU A 228 -10.16 27.57 -9.10
C GLU A 228 -9.25 27.06 -7.98
N ILE A 229 -9.13 25.73 -7.84
CA ILE A 229 -8.18 25.16 -6.86
C ILE A 229 -6.77 25.66 -7.16
N GLU A 230 -6.36 25.65 -8.43
CA GLU A 230 -5.03 26.11 -8.81
C GLU A 230 -4.83 27.58 -8.46
N ASN A 231 -5.82 28.42 -8.81
CA ASN A 231 -5.69 29.83 -8.44
C ASN A 231 -5.49 30.01 -6.94
N SER A 232 -6.26 29.31 -6.15
CA SER A 232 -6.14 29.44 -4.70
C SER A 232 -4.79 28.90 -4.19
N TYR A 233 -4.31 27.80 -4.77
CA TYR A 233 -3.00 27.28 -4.44
C TYR A 233 -1.93 28.35 -4.64
N PHE A 234 -1.95 29.05 -5.78
CA PHE A 234 -0.91 30.06 -6.01
C PHE A 234 -1.02 31.17 -4.97
N SER A 235 -2.23 31.57 -4.62
CA SER A 235 -2.43 32.59 -3.58
C SER A 235 -1.83 32.14 -2.25
N MET A 236 -2.09 30.89 -1.87
CA MET A 236 -1.60 30.37 -0.61
C MET A 236 -0.08 30.27 -0.61
N MET A 237 0.52 29.85 -1.72
CA MET A 237 1.97 29.75 -1.77
C MET A 237 2.60 31.13 -1.72
N SER A 238 1.98 32.13 -2.37
CA SER A 238 2.48 33.50 -2.25
C SER A 238 2.43 33.97 -0.80
N ARG A 239 1.39 33.63 -0.07
CA ARG A 239 1.30 34.00 1.33
C ARG A 239 2.43 33.37 2.14
N LEU A 240 2.68 32.05 1.95
CA LEU A 240 3.78 31.41 2.68
C LEU A 240 5.14 31.94 2.27
N LYS A 241 5.34 32.25 0.97
CA LYS A 241 6.65 32.77 0.57
C LYS A 241 6.99 34.01 1.39
N GLU A 242 6.00 34.85 1.65
CA GLU A 242 6.23 36.06 2.45
C GLU A 242 6.31 35.75 3.94
N SER A 243 5.38 34.98 4.49
CA SER A 243 5.37 34.80 5.94
C SER A 243 6.51 33.91 6.41
N LEU A 244 7.01 33.01 5.56
CA LEU A 244 8.10 32.10 5.92
C LEU A 244 9.41 32.52 5.30
N SER A 245 9.55 33.82 4.98
CA SER A 245 10.76 34.29 4.35
C SER A 245 12.01 34.18 5.21
N ASN A 246 11.87 34.06 6.53
CA ASN A 246 12.98 33.79 7.43
C ASN A 246 13.07 32.34 7.85
N ASN A 247 12.43 31.46 7.08
CA ASN A 247 12.38 30.03 7.33
C ASN A 247 12.63 29.33 6.00
N LEU A 248 12.49 28.01 5.98
CA LEU A 248 12.64 27.20 4.77
C LEU A 248 11.31 26.65 4.27
N ILE A 249 11.13 26.65 2.95
CA ILE A 249 9.98 26.02 2.31
C ILE A 249 10.50 25.08 1.25
N LEU A 250 10.28 23.79 1.44
CA LEU A 250 10.61 22.75 0.47
C LEU A 250 9.31 22.28 -0.14
N ALA A 251 9.28 21.94 -1.41
CA ALA A 251 8.07 21.42 -2.03
C ALA A 251 8.35 20.17 -2.84
N ASN A 252 7.36 19.28 -2.88
CA ASN A 252 7.38 18.10 -3.75
C ASN A 252 6.92 18.57 -5.12
N ILE A 253 7.85 19.07 -5.93
CA ILE A 253 7.47 19.78 -7.15
C ILE A 253 8.21 19.41 -8.42
N ILE A 254 9.53 19.16 -8.37
CA ILE A 254 10.24 18.79 -9.59
C ILE A 254 9.87 17.35 -9.93
N ARG A 255 9.41 17.14 -11.15
CA ARG A 255 8.87 15.87 -11.59
C ARG A 255 8.73 15.87 -13.09
N VAL A 256 9.20 14.81 -13.76
CA VAL A 256 8.95 14.69 -15.21
C VAL A 256 7.45 14.58 -15.42
N ARG A 257 6.87 15.49 -16.19
CA ARG A 257 5.44 15.50 -16.46
C ARG A 257 5.23 16.03 -17.87
N PRO A 258 4.41 15.37 -18.70
CA PRO A 258 4.13 15.98 -20.00
C PRO A 258 3.46 17.33 -19.87
N GLU A 259 2.68 17.55 -18.80
CA GLU A 259 1.97 18.78 -18.59
C GLU A 259 2.87 19.93 -18.15
N PHE A 260 4.09 19.64 -17.70
CA PHE A 260 5.00 20.67 -17.20
C PHE A 260 6.10 20.88 -18.25
N GLU A 261 6.07 22.02 -18.93
CA GLU A 261 7.07 22.27 -19.96
C GLU A 261 8.48 22.22 -19.40
N GLU A 262 8.70 22.64 -18.14
CA GLU A 262 10.01 22.60 -17.54
C GLU A 262 10.10 21.61 -16.38
N ASN A 263 9.21 20.62 -16.33
CA ASN A 263 9.29 19.52 -15.37
C ASN A 263 9.35 20.03 -13.93
N GLY A 264 8.64 21.12 -13.66
CA GLY A 264 8.51 21.62 -12.30
C GLY A 264 9.36 22.84 -11.99
N LEU A 265 10.40 23.11 -12.80
CA LEU A 265 11.25 24.28 -12.56
C LEU A 265 10.46 25.56 -12.64
N GLU A 266 9.41 25.57 -13.45
CA GLU A 266 8.62 26.78 -13.61
C GLU A 266 7.82 27.12 -12.37
N TYR A 267 7.72 26.19 -11.41
CA TYR A 267 6.92 26.34 -10.22
C TYR A 267 7.77 26.51 -8.98
N LEU A 268 9.08 26.65 -9.10
CA LEU A 268 9.96 26.73 -7.95
C LEU A 268 9.99 28.12 -7.32
N GLY A 269 9.28 29.10 -7.88
CA GLY A 269 9.50 30.47 -7.44
C GLY A 269 9.08 30.71 -6.02
N TYR A 270 8.19 29.89 -5.52
CA TYR A 270 7.70 30.07 -4.17
C TYR A 270 8.61 29.43 -3.14
N PHE A 271 9.58 28.61 -3.54
CA PHE A 271 10.19 27.63 -2.64
C PHE A 271 11.70 27.78 -2.57
N ASN A 272 12.28 27.41 -1.40
CA ASN A 272 13.72 27.33 -1.31
C ASN A 272 14.30 26.10 -2.00
N GLY A 273 13.47 25.12 -2.32
CA GLY A 273 13.97 23.96 -3.01
C GLY A 273 12.88 22.94 -3.26
N SER A 274 13.31 21.82 -3.86
CA SER A 274 12.39 20.72 -4.13
C SER A 274 12.89 19.43 -3.55
N TYR A 275 11.92 18.65 -3.05
CA TYR A 275 12.03 17.22 -2.87
C TYR A 275 11.71 16.51 -4.18
N LEU A 276 12.37 15.38 -4.39
CA LEU A 276 12.15 14.57 -5.59
C LEU A 276 11.71 13.18 -5.19
N GLU A 277 10.61 12.72 -5.80
CA GLU A 277 10.17 11.33 -5.77
C GLU A 277 9.69 10.92 -7.16
N GLY A 278 9.46 9.63 -7.32
CA GLY A 278 9.15 9.10 -8.63
C GLY A 278 10.27 9.30 -9.63
N PHE A 279 11.50 9.49 -9.14
CA PHE A 279 12.57 10.01 -9.99
C PHE A 279 13.05 8.98 -11.00
N ASP A 280 12.98 7.70 -10.62
CA ASP A 280 13.37 6.60 -11.51
C ASP A 280 12.19 5.74 -11.92
N SER A 281 10.97 6.26 -11.84
CA SER A 281 9.75 5.50 -12.13
C SER A 281 9.12 6.10 -13.39
N GLU A 282 9.48 5.51 -14.53
CA GLU A 282 9.04 6.08 -15.80
C GLU A 282 7.54 5.93 -16.03
N ALA A 283 7.02 6.80 -16.88
CA ALA A 283 5.63 6.81 -17.26
C ALA A 283 5.52 7.49 -18.63
N PHE A 284 4.30 7.66 -19.13
CA PHE A 284 4.01 8.42 -20.33
C PHE A 284 4.61 7.80 -21.59
N GLY A 285 4.84 6.48 -21.58
CA GLY A 285 5.47 5.79 -22.69
C GLY A 285 6.97 6.01 -22.82
N MET A 286 7.54 6.74 -21.87
CA MET A 286 8.99 7.07 -21.90
C MET A 286 9.76 5.86 -21.40
N SER A 287 10.91 5.60 -21.99
CA SER A 287 11.76 4.58 -21.41
C SER A 287 12.33 5.04 -20.06
N ASN A 288 12.80 4.09 -19.26
CA ASN A 288 13.45 4.44 -18.00
C ASN A 288 14.58 5.45 -18.23
N ALA A 289 15.45 5.19 -19.23
CA ALA A 289 16.56 6.10 -19.48
C ALA A 289 16.08 7.46 -19.93
N GLU A 290 15.11 7.52 -20.85
CA GLU A 290 14.60 8.81 -21.31
C GLU A 290 14.03 9.64 -20.16
N TYR A 291 13.27 8.99 -19.28
CA TYR A 291 12.67 9.66 -18.15
C TYR A 291 13.73 10.19 -17.19
N LEU A 292 14.75 9.38 -16.89
CA LEU A 292 15.82 9.86 -16.02
C LEU A 292 16.61 11.00 -16.66
N VAL A 293 16.83 10.98 -17.99
CA VAL A 293 17.54 12.08 -18.63
C VAL A 293 16.82 13.40 -18.35
N GLU A 294 15.49 13.41 -18.50
CA GLU A 294 14.75 14.65 -18.24
C GLU A 294 14.81 15.03 -16.77
N GLY A 295 14.71 14.05 -15.86
CA GLY A 295 14.75 14.38 -14.45
C GLY A 295 16.12 14.92 -14.04
N ILE A 296 17.17 14.33 -14.58
CA ILE A 296 18.53 14.78 -14.29
C ILE A 296 18.74 16.22 -14.77
N GLU A 297 18.28 16.52 -15.97
CA GLU A 297 18.40 17.88 -16.49
C GLU A 297 17.68 18.88 -15.58
N ALA A 298 16.44 18.59 -15.17
CA ALA A 298 15.72 19.51 -14.31
C ALA A 298 16.44 19.70 -12.97
N THR A 299 16.93 18.61 -12.41
CA THR A 299 17.56 18.68 -11.09
C THR A 299 18.88 19.45 -11.18
N GLN A 300 19.71 19.17 -12.19
CA GLN A 300 20.93 19.93 -12.41
C GLN A 300 20.65 21.41 -12.49
N LYS A 301 19.64 21.79 -13.29
CA LYS A 301 19.33 23.21 -13.43
C LYS A 301 18.89 23.81 -12.10
N ALA A 302 18.02 23.13 -11.37
CA ALA A 302 17.55 23.65 -10.10
C ALA A 302 18.70 23.78 -9.09
N ALA A 303 19.51 22.72 -8.96
CA ALA A 303 20.62 22.75 -8.01
C ALA A 303 21.63 23.84 -8.38
N GLN A 304 21.91 24.01 -9.67
CA GLN A 304 22.87 25.03 -10.08
C GLN A 304 22.32 26.44 -9.87
N SER A 305 21.00 26.58 -9.76
CA SER A 305 20.39 27.87 -9.42
C SER A 305 20.42 28.16 -7.94
N GLY A 306 20.92 27.27 -7.09
CA GLY A 306 21.02 27.53 -5.69
C GLY A 306 19.84 27.01 -4.88
N LYS A 307 18.97 26.23 -5.48
CA LYS A 307 17.82 25.65 -4.78
C LYS A 307 18.28 24.40 -4.03
N ILE A 308 17.70 24.19 -2.84
CA ILE A 308 17.88 22.93 -2.12
C ILE A 308 17.23 21.80 -2.92
N ILE A 309 17.91 20.67 -2.95
CA ILE A 309 17.39 19.45 -3.59
C ILE A 309 17.47 18.35 -2.54
N THR A 310 16.34 17.64 -2.32
CA THR A 310 16.36 16.44 -1.48
C THR A 310 15.88 15.29 -2.33
N MET A 311 16.82 14.53 -2.85
CA MET A 311 16.51 13.44 -3.77
C MET A 311 16.25 12.16 -3.00
N THR A 312 15.04 11.64 -3.12
CA THR A 312 14.71 10.35 -2.54
C THR A 312 14.68 9.31 -3.67
N LEU A 313 15.24 8.14 -3.37
CA LEU A 313 15.28 7.03 -4.32
C LEU A 313 15.01 5.77 -3.51
N GLY A 314 14.08 4.96 -3.97
CA GLY A 314 13.71 3.75 -3.26
C GLY A 314 14.67 2.60 -3.50
N LEU A 315 15.03 1.94 -2.41
CA LEU A 315 15.70 0.65 -2.40
C LEU A 315 14.74 -0.51 -2.10
N GLY A 316 13.44 -0.23 -1.98
CA GLY A 316 12.52 -1.27 -1.52
C GLY A 316 12.55 -2.53 -2.36
N GLU A 317 12.67 -2.36 -3.68
CA GLU A 317 12.66 -3.51 -4.58
C GLU A 317 13.95 -4.31 -4.52
N ALA A 318 15.09 -3.65 -4.31
CA ALA A 318 16.36 -4.35 -4.17
C ALA A 318 16.50 -5.04 -2.81
N ILE A 319 15.76 -4.59 -1.81
CA ILE A 319 15.77 -5.19 -0.49
C ILE A 319 14.77 -6.32 -0.35
N ASP A 320 13.62 -6.23 -1.02
CA ASP A 320 12.56 -7.20 -0.77
C ASP A 320 13.04 -8.60 -1.18
N ASN A 321 12.72 -9.59 -0.36
CA ASN A 321 13.18 -10.97 -0.55
C ASN A 321 12.02 -11.95 -0.43
N ASN A 322 10.81 -11.51 -0.78
CA ASN A 322 9.61 -12.34 -0.72
C ASN A 322 9.39 -12.92 0.69
N THR A 323 9.56 -12.09 1.72
CA THR A 323 9.20 -12.46 3.09
C THR A 323 8.58 -11.28 3.81
N GLY A 324 7.89 -11.53 4.93
CA GLY A 324 7.37 -10.51 5.80
C GLY A 324 5.86 -10.36 5.80
N ILE A 325 5.15 -11.02 4.90
CA ILE A 325 3.68 -10.90 4.86
C ILE A 325 3.03 -11.89 5.83
N ASP A 326 3.34 -13.17 5.70
CA ASP A 326 2.82 -14.23 6.56
C ASP A 326 3.95 -14.96 7.29
N ASP A 327 5.17 -14.43 7.23
CA ASP A 327 6.35 -15.00 7.89
C ASP A 327 7.21 -13.84 8.37
N GLN A 328 8.24 -14.16 9.15
CA GLN A 328 9.19 -13.14 9.56
C GLN A 328 9.89 -12.58 8.33
N ARG A 329 10.01 -11.24 8.30
CA ARG A 329 10.79 -10.61 7.26
C ARG A 329 12.27 -10.93 7.46
N GLU A 330 12.89 -11.51 6.43
CA GLU A 330 14.27 -11.95 6.55
C GLU A 330 15.18 -10.74 6.73
N ASP A 331 16.11 -10.85 7.68
CA ASP A 331 17.08 -9.78 7.90
C ASP A 331 17.85 -9.50 6.61
N VAL A 332 18.02 -8.22 6.31
CA VAL A 332 18.72 -7.79 5.13
C VAL A 332 20.21 -7.69 5.44
N ASP A 333 21.03 -8.29 4.59
CA ASP A 333 22.47 -8.11 4.65
C ASP A 333 22.78 -6.79 3.96
N LEU A 334 23.00 -5.76 4.77
CA LEU A 334 23.26 -4.45 4.19
C LEU A 334 24.66 -4.36 3.59
N ASN A 335 25.48 -5.39 3.74
CA ASN A 335 26.77 -5.50 3.07
C ASN A 335 26.71 -6.36 1.82
N ASP A 336 25.53 -6.82 1.43
CA ASP A 336 25.37 -7.67 0.26
C ASP A 336 25.94 -6.99 -0.98
N GLU A 337 26.66 -7.76 -1.82
CA GLU A 337 27.35 -7.17 -2.95
C GLU A 337 26.38 -6.61 -3.98
N GLU A 338 25.32 -7.35 -4.30
CA GLU A 338 24.36 -6.86 -5.27
C GLU A 338 23.60 -5.65 -4.75
N LEU A 339 23.24 -5.65 -3.47
CA LEU A 339 22.57 -4.48 -2.92
C LEU A 339 23.47 -3.26 -3.03
N ASN A 340 24.77 -3.44 -2.78
CA ASN A 340 25.69 -2.32 -2.81
C ASN A 340 25.93 -1.81 -4.22
N LYS A 341 25.82 -2.67 -5.23
CA LYS A 341 25.82 -2.18 -6.61
C LYS A 341 24.60 -1.29 -6.87
N ARG A 342 23.46 -1.61 -6.27
CA ARG A 342 22.28 -0.76 -6.43
C ARG A 342 22.46 0.57 -5.71
N VAL A 343 23.05 0.53 -4.53
CA VAL A 343 23.37 1.77 -3.82
C VAL A 343 24.29 2.63 -4.65
N ASP A 344 25.34 2.02 -5.23
CA ASP A 344 26.26 2.78 -6.09
C ASP A 344 25.50 3.44 -7.23
N TYR A 345 24.61 2.71 -7.89
CA TYR A 345 23.84 3.23 -9.01
C TYR A 345 22.98 4.42 -8.59
N LEU A 346 22.21 4.27 -7.51
CA LEU A 346 21.34 5.36 -7.10
C LEU A 346 22.15 6.58 -6.63
N LEU A 347 23.23 6.35 -5.94
CA LEU A 347 24.08 7.46 -5.54
C LEU A 347 24.70 8.11 -6.75
N ALA A 348 25.04 7.34 -7.78
CA ALA A 348 25.61 7.94 -8.98
C ALA A 348 24.63 8.87 -9.66
N ILE A 349 23.34 8.49 -9.73
CA ILE A 349 22.34 9.39 -10.27
C ILE A 349 22.34 10.70 -9.48
N PHE A 350 22.31 10.59 -8.15
CA PHE A 350 22.33 11.76 -7.28
C PHE A 350 23.57 12.61 -7.53
N LEU A 351 24.76 11.98 -7.58
CA LEU A 351 26.01 12.74 -7.72
C LEU A 351 26.16 13.38 -9.07
N ILE A 352 25.58 12.82 -10.11
CA ILE A 352 25.56 13.46 -11.42
C ILE A 352 24.81 14.77 -11.38
N CYS A 353 23.88 14.93 -10.43
CA CYS A 353 23.05 16.14 -10.33
C CYS A 353 23.51 17.12 -9.27
N ALA A 354 24.17 16.67 -8.22
CA ALA A 354 24.30 17.41 -6.98
C ALA A 354 25.06 18.72 -7.13
N GLU A 355 24.64 19.70 -6.35
CA GLU A 355 25.39 20.92 -6.08
C GLU A 355 25.32 21.18 -4.59
N LYS A 356 25.94 22.25 -4.12
CA LYS A 356 25.77 22.68 -2.76
C LYS A 356 24.27 22.70 -2.42
N TYR A 357 23.92 22.14 -1.25
CA TYR A 357 22.54 22.04 -0.73
C TYR A 357 21.72 20.97 -1.43
N SER A 358 22.37 20.01 -2.09
CA SER A 358 21.70 18.78 -2.54
C SER A 358 22.00 17.67 -1.56
N TYR A 359 20.96 16.91 -1.22
CA TYR A 359 21.01 15.87 -0.20
C TYR A 359 20.24 14.66 -0.71
N VAL A 360 20.66 13.45 -0.31
CA VAL A 360 20.06 12.21 -0.83
C VAL A 360 19.54 11.33 0.29
N TYR A 361 18.45 10.59 -0.01
CA TYR A 361 17.94 9.55 0.89
C TYR A 361 17.57 8.34 0.05
N LEU A 362 18.32 7.26 0.28
CA LEU A 362 18.01 5.94 -0.30
C LEU A 362 17.22 5.17 0.76
N HIS A 363 15.93 4.97 0.49
CA HIS A 363 15.01 4.60 1.57
C HIS A 363 14.32 3.26 1.33
N ASP A 364 13.77 2.75 2.43
CA ASP A 364 12.83 1.61 2.44
C ASP A 364 11.51 2.08 3.07
N GLY A 365 10.92 3.13 2.52
CA GLY A 365 9.71 3.72 3.05
C GLY A 365 10.03 4.73 4.15
N TYR A 366 9.03 5.55 4.46
CA TYR A 366 9.27 6.62 5.42
C TYR A 366 8.86 6.27 6.84
N LEU A 367 8.22 5.14 7.07
CA LEU A 367 7.90 4.67 8.40
C LEU A 367 9.12 3.97 9.01
N ALA A 368 9.66 4.53 10.09
CA ALA A 368 10.92 4.04 10.64
C ALA A 368 10.86 2.57 10.99
N THR A 369 9.76 2.13 11.58
CA THR A 369 9.63 0.79 12.13
C THR A 369 9.40 -0.25 11.06
N ASN A 370 9.26 0.13 9.81
CA ASN A 370 9.07 -0.82 8.72
C ASN A 370 10.19 -0.72 7.69
N SER A 371 11.27 0.01 7.99
CA SER A 371 12.36 0.24 7.06
C SER A 371 13.60 -0.56 7.45
N ALA A 372 14.15 -1.31 6.48
CA ALA A 372 15.38 -2.08 6.72
C ALA A 372 16.61 -1.21 6.78
N VAL A 373 16.56 0.04 6.33
CA VAL A 373 17.72 0.91 6.41
C VAL A 373 17.68 1.86 7.59
N TRP A 374 16.59 1.88 8.34
CA TRP A 374 16.50 2.75 9.50
C TRP A 374 17.62 2.41 10.47
N LEU A 375 18.26 3.46 10.99
CA LEU A 375 19.39 3.40 11.94
C LEU A 375 20.68 2.95 11.29
N HIS A 376 20.74 2.80 9.98
CA HIS A 376 21.90 2.24 9.33
CA HIS A 376 21.91 2.24 9.32
C HIS A 376 22.54 3.26 8.40
N GLN A 377 23.81 3.04 8.08
CA GLN A 377 24.53 3.89 7.13
C GLN A 377 25.41 3.03 6.25
N PHE A 378 25.21 3.15 4.94
CA PHE A 378 26.02 2.41 3.97
C PHE A 378 27.45 2.94 3.99
N ASP A 379 28.39 2.06 3.63
CA ASP A 379 29.80 2.48 3.64
C ASP A 379 30.05 3.66 2.72
N GLN A 380 29.28 3.74 1.63
CA GLN A 380 29.39 4.85 0.68
C GLN A 380 29.12 6.19 1.34
N TYR A 381 28.46 6.22 2.49
CA TYR A 381 28.15 7.48 3.15
C TYR A 381 29.30 7.97 4.00
N LYS A 382 30.28 7.12 4.29
CA LYS A 382 31.39 7.44 5.18
C LYS A 382 32.67 7.78 4.43
N LYS A 383 32.77 7.37 3.19
CA LYS A 383 33.99 7.56 2.40
C LYS A 383 34.11 9.00 1.97
N ALA A 384 35.34 9.46 1.85
CA ALA A 384 35.62 10.82 1.39
C ALA A 384 35.09 11.04 -0.01
N LEU A 385 34.32 12.13 -0.16
CA LEU A 385 33.69 12.51 -1.40
C LEU A 385 34.42 13.70 -1.99
N GLY A 386 34.40 14.82 -1.30
CA GLY A 386 35.04 16.04 -1.76
C GLY A 386 34.20 16.78 -2.78
N ALA A 387 34.55 18.05 -3.00
CA ALA A 387 33.78 18.90 -3.85
C ALA A 387 33.93 18.48 -5.33
N PRO A 388 32.92 18.76 -6.15
CA PRO A 388 33.04 18.42 -7.58
C PRO A 388 34.21 19.16 -8.21
N LEU A 389 34.83 18.51 -9.18
CA LEU A 389 35.87 19.15 -10.01
C LEU A 389 35.31 19.63 -11.32
N GLY A 390 34.08 19.28 -11.63
CA GLY A 390 33.29 19.99 -12.62
C GLY A 390 31.92 19.37 -12.71
N LYS A 391 31.17 19.85 -13.68
CA LYS A 391 29.84 19.32 -13.96
C LYS A 391 29.93 17.92 -14.56
N ALA A 392 28.83 17.19 -14.47
CA ALA A 392 28.75 15.91 -15.16
C ALA A 392 28.91 16.10 -16.66
N ILE A 393 29.51 15.10 -17.30
CA ILE A 393 29.61 15.02 -18.75
C ILE A 393 28.63 13.96 -19.22
N LYS A 394 27.76 14.32 -20.16
CA LYS A 394 26.73 13.44 -20.71
C LYS A 394 27.15 13.01 -22.11
N ASN A 395 27.15 11.70 -22.33
CA ASN A 395 27.39 11.10 -23.66
C ASN A 395 26.32 10.04 -23.88
N GLY A 396 25.25 10.41 -24.53
CA GLY A 396 24.10 9.52 -24.65
C GLY A 396 23.50 9.27 -23.28
N TYR A 397 23.40 8.01 -22.88
CA TYR A 397 22.86 7.65 -21.57
C TYR A 397 23.97 7.40 -20.56
N ILE A 398 25.22 7.71 -20.92
CA ILE A 398 26.35 7.52 -20.04
C ILE A 398 26.75 8.88 -19.49
N TYR A 399 26.91 8.97 -18.17
CA TYR A 399 27.31 10.21 -17.53
C TYR A 399 28.55 9.94 -16.70
N THR A 400 29.47 10.92 -16.64
CA THR A 400 30.61 10.83 -15.74
C THR A 400 30.75 12.14 -14.95
N ARG A 401 31.36 12.02 -13.78
CA ARG A 401 31.65 13.24 -13.01
C ARG A 401 32.80 12.95 -12.06
N LYS A 402 33.68 13.95 -11.92
CA LYS A 402 34.80 13.89 -11.02
C LYS A 402 34.60 14.79 -9.81
N PHE A 403 34.91 14.24 -8.65
CA PHE A 403 34.96 14.92 -7.36
C PHE A 403 36.38 14.78 -6.84
N GLU A 404 36.72 15.59 -5.83
CA GLU A 404 38.11 15.56 -5.34
C GLU A 404 38.54 14.16 -4.90
N ASN A 405 37.63 13.36 -4.34
CA ASN A 405 37.98 12.03 -3.85
C ASN A 405 37.15 10.91 -4.49
N LEU A 406 36.55 11.14 -5.64
CA LEU A 406 35.66 10.14 -6.21
C LEU A 406 35.47 10.39 -7.70
N ASP A 407 35.49 9.33 -8.52
CA ASP A 407 35.08 9.38 -9.90
C ASP A 407 33.81 8.57 -10.08
N VAL A 408 32.84 9.16 -10.76
CA VAL A 408 31.54 8.54 -10.98
C VAL A 408 31.39 8.21 -12.45
N TRP A 409 30.93 6.99 -12.74
CA TRP A 409 30.50 6.59 -14.07
C TRP A 409 29.12 5.98 -13.93
N LEU A 410 28.20 6.39 -14.80
CA LEU A 410 26.80 5.99 -14.75
C LEU A 410 26.30 5.63 -16.13
N ASN A 411 25.61 4.48 -16.27
CA ASN A 411 24.93 4.10 -17.51
C ASN A 411 23.46 3.86 -17.23
N LEU A 412 22.62 4.77 -17.71
CA LEU A 412 21.19 4.67 -17.44
C LEU A 412 20.55 3.50 -18.17
N GLU A 413 21.11 3.10 -19.32
CA GLU A 413 20.50 2.03 -20.09
C GLU A 413 20.65 0.69 -19.38
N THR A 414 21.87 0.38 -18.94
CA THR A 414 22.12 -0.86 -18.19
C THR A 414 21.78 -0.74 -16.72
N GLN A 415 21.47 0.47 -16.25
CA GLN A 415 21.19 0.71 -14.84
C GLN A 415 22.34 0.24 -13.97
N THR A 416 23.56 0.63 -14.36
CA THR A 416 24.76 0.30 -13.61
C THR A 416 25.61 1.55 -13.43
N ALA A 417 26.48 1.51 -12.43
CA ALA A 417 27.39 2.62 -12.17
C ALA A 417 28.63 2.09 -11.48
N THR A 418 29.70 2.86 -11.53
CA THR A 418 30.85 2.59 -10.71
C THR A 418 31.22 3.84 -9.93
N LEU A 419 31.58 3.65 -8.68
CA LEU A 419 32.09 4.72 -7.81
C LEU A 419 33.53 4.33 -7.47
N THR A 420 34.48 5.06 -8.04
CA THR A 420 35.88 4.79 -7.78
C THR A 420 36.37 5.80 -6.76
N TRP A 421 36.44 5.37 -5.52
CA TRP A 421 36.86 6.23 -4.44
C TRP A 421 38.37 6.37 -4.45
N LYS A 422 38.84 7.56 -4.13
CA LYS A 422 40.28 7.88 -4.11
C LYS A 422 40.65 8.09 -2.68
N ILE B 57 -20.08 -36.54 3.22
CA ILE B 57 -19.98 -35.10 3.35
C ILE B 57 -21.37 -34.47 3.34
N ASP B 58 -21.60 -33.57 4.29
CA ASP B 58 -22.85 -32.85 4.42
C ASP B 58 -22.76 -31.61 3.54
N TYR B 59 -23.49 -31.63 2.43
CA TYR B 59 -23.57 -30.50 1.51
C TYR B 59 -24.78 -29.61 1.76
N SER B 60 -25.56 -29.87 2.81
CA SER B 60 -26.85 -29.21 2.94
C SER B 60 -26.74 -27.70 3.10
N ASN B 61 -25.60 -27.19 3.56
CA ASN B 61 -25.42 -25.74 3.74
C ASN B 61 -24.56 -25.11 2.66
N TYR B 62 -24.22 -25.86 1.62
CA TYR B 62 -23.35 -25.33 0.58
C TYR B 62 -24.08 -24.34 -0.32
N PRO B 63 -23.33 -23.52 -1.06
CA PRO B 63 -23.94 -22.59 -2.01
C PRO B 63 -24.49 -23.31 -3.22
N GLU B 64 -25.26 -22.56 -4.00
CA GLU B 64 -25.62 -23.04 -5.32
C GLU B 64 -24.36 -23.22 -6.17
N PHE B 65 -24.42 -24.14 -7.13
CA PHE B 65 -23.35 -24.33 -8.07
C PHE B 65 -23.92 -24.81 -9.41
N SER B 66 -23.40 -24.23 -10.49
CA SER B 66 -23.69 -24.72 -11.83
C SER B 66 -22.43 -24.65 -12.67
N TRP B 67 -22.22 -25.66 -13.53
CA TRP B 67 -21.21 -25.61 -14.58
C TRP B 67 -21.67 -24.87 -15.83
N ASP B 68 -22.92 -24.39 -15.87
CA ASP B 68 -23.44 -23.86 -17.14
C ASP B 68 -22.56 -22.75 -17.68
N THR B 69 -22.13 -21.84 -16.80
CA THR B 69 -21.18 -20.78 -17.10
C THR B 69 -20.21 -20.69 -15.93
N MET B 70 -19.21 -19.80 -16.06
CA MET B 70 -18.15 -19.77 -15.07
C MET B 70 -18.72 -19.61 -13.66
N PRO B 71 -18.30 -20.43 -12.69
CA PRO B 71 -18.76 -20.25 -11.30
C PRO B 71 -17.93 -19.16 -10.62
N LEU B 72 -18.60 -18.13 -10.13
CA LEU B 72 -17.93 -16.91 -9.69
C LEU B 72 -18.06 -16.66 -8.20
N TYR B 73 -17.00 -16.08 -7.62
CA TYR B 73 -16.91 -15.67 -6.23
C TYR B 73 -16.82 -14.15 -6.16
N MET B 74 -17.37 -13.59 -5.09
CA MET B 74 -17.19 -12.17 -4.83
C MET B 74 -16.70 -11.96 -3.42
N HIS B 75 -15.80 -10.99 -3.25
CA HIS B 75 -15.07 -10.76 -2.01
C HIS B 75 -14.89 -9.25 -1.97
N VAL B 76 -15.57 -8.53 -1.06
CA VAL B 76 -15.80 -7.10 -1.28
C VAL B 76 -16.00 -6.30 -0.02
N ARG B 77 -15.59 -5.03 -0.10
CA ARG B 77 -15.94 -3.99 0.86
C ARG B 77 -16.17 -2.68 0.09
N LYS B 78 -16.82 -1.75 0.78
CA LYS B 78 -17.09 -0.39 0.34
C LYS B 78 -17.25 0.44 1.60
N ASN B 79 -16.78 1.69 1.57
CA ASN B 79 -16.83 2.47 2.81
C ASN B 79 -18.24 2.97 3.15
N THR B 80 -19.13 3.01 2.16
CA THR B 80 -20.52 3.44 2.33
C THR B 80 -21.41 2.37 1.71
N ALA B 81 -22.72 2.53 1.91
CA ALA B 81 -23.67 1.55 1.45
C ALA B 81 -23.56 1.30 -0.05
N TYR B 82 -23.80 0.04 -0.44
CA TYR B 82 -23.93 -0.30 -1.85
C TYR B 82 -25.17 0.37 -2.44
N THR B 83 -25.06 0.76 -3.70
CA THR B 83 -26.27 1.22 -4.39
C THR B 83 -27.15 0.02 -4.72
N ASP B 84 -28.40 0.29 -5.15
CA ASP B 84 -29.28 -0.79 -5.58
CA ASP B 84 -29.29 -0.80 -5.57
C ASP B 84 -28.65 -1.64 -6.67
N GLU B 85 -28.04 -1.00 -7.67
CA GLU B 85 -27.38 -1.71 -8.76
C GLU B 85 -26.29 -2.63 -8.20
N GLU B 86 -25.52 -2.13 -7.20
CA GLU B 86 -24.45 -2.92 -6.62
C GLU B 86 -24.99 -4.09 -5.83
N ILE B 87 -26.09 -3.90 -5.08
CA ILE B 87 -26.71 -5.02 -4.38
C ILE B 87 -27.16 -6.08 -5.37
N ASN B 88 -27.75 -5.67 -6.50
CA ASN B 88 -28.14 -6.67 -7.49
C ASN B 88 -26.94 -7.42 -8.04
N TYR B 89 -25.84 -6.70 -8.24
CA TYR B 89 -24.61 -7.36 -8.70
C TYR B 89 -24.13 -8.37 -7.66
N LEU B 90 -24.06 -7.97 -6.40
CA LEU B 90 -23.64 -8.92 -5.37
C LEU B 90 -24.54 -10.13 -5.33
N ALA B 91 -25.86 -9.90 -5.39
CA ALA B 91 -26.82 -10.97 -5.27
C ALA B 91 -26.74 -11.96 -6.42
N SER B 92 -26.08 -11.61 -7.51
CA SER B 92 -25.95 -12.51 -8.65
C SER B 92 -24.83 -13.53 -8.49
N PHE B 93 -24.02 -13.41 -7.43
CA PHE B 93 -22.95 -14.36 -7.18
C PHE B 93 -23.43 -15.44 -6.24
N PRO B 94 -23.01 -16.68 -6.45
CA PRO B 94 -23.45 -17.75 -5.55
C PRO B 94 -22.86 -17.65 -4.14
N LEU B 95 -21.67 -17.04 -4.01
CA LEU B 95 -20.96 -17.02 -2.73
C LEU B 95 -20.24 -15.68 -2.66
N ILE B 96 -20.50 -14.95 -1.59
CA ILE B 96 -19.97 -13.59 -1.37
C ILE B 96 -19.37 -13.54 0.03
N THR B 97 -18.11 -13.07 0.14
CA THR B 97 -17.54 -12.70 1.43
C THR B 97 -17.58 -11.18 1.57
N LEU B 98 -18.16 -10.73 2.67
CA LEU B 98 -18.13 -9.34 3.06
C LEU B 98 -16.90 -9.13 3.95
N GLU B 99 -15.97 -8.34 3.41
CA GLU B 99 -14.73 -7.98 4.09
C GLU B 99 -14.95 -7.07 5.30
N LYS B 100 -13.89 -6.92 6.07
CA LYS B 100 -13.81 -5.86 7.06
C LYS B 100 -14.05 -4.50 6.40
N SER B 101 -14.29 -3.50 7.28
CA SER B 101 -14.66 -2.15 6.84
C SER B 101 -15.83 -2.19 5.86
N GLN B 102 -16.95 -2.71 6.40
CA GLN B 102 -18.13 -2.98 5.58
C GLN B 102 -19.16 -1.87 5.76
N ALA B 103 -19.10 -0.90 4.86
CA ALA B 103 -20.05 0.22 4.83
C ALA B 103 -20.12 0.99 6.13
N GLN B 104 -18.99 1.08 6.84
CA GLN B 104 -18.99 1.65 8.16
C GLN B 104 -19.27 3.15 8.17
N ASN B 105 -19.05 3.85 7.08
CA ASN B 105 -19.30 5.28 7.02
C ASN B 105 -20.74 5.60 6.66
N THR B 106 -21.58 4.59 6.43
CA THR B 106 -23.02 4.79 6.38
C THR B 106 -23.71 4.29 7.64
N TYR B 107 -23.30 3.12 8.15
CA TYR B 107 -23.99 2.41 9.21
C TYR B 107 -23.30 2.53 10.56
N GLY B 108 -22.14 3.19 10.61
CA GLY B 108 -21.44 3.47 11.84
C GLY B 108 -20.45 2.41 12.28
N SER B 109 -20.52 1.20 11.72
CA SER B 109 -19.66 0.11 12.10
C SER B 109 -19.75 -0.96 11.04
N THR B 110 -18.71 -1.80 10.99
CA THR B 110 -18.74 -2.98 10.13
C THR B 110 -19.84 -3.93 10.54
N GLU B 111 -20.10 -4.06 11.85
CA GLU B 111 -21.13 -5.00 12.29
C GLU B 111 -22.48 -4.62 11.71
N GLU B 112 -22.85 -3.36 11.82
CA GLU B 112 -24.15 -2.93 11.31
C GLU B 112 -24.16 -2.80 9.80
N GLY B 113 -23.03 -2.43 9.19
CA GLY B 113 -22.99 -2.38 7.75
C GLY B 113 -23.07 -3.75 7.10
N THR B 114 -22.50 -4.76 7.77
CA THR B 114 -22.64 -6.14 7.32
C THR B 114 -24.11 -6.57 7.39
N LEU B 115 -24.78 -6.28 8.49
CA LEU B 115 -26.18 -6.68 8.65
C LEU B 115 -27.04 -6.04 7.58
N ALA B 116 -26.83 -4.75 7.31
CA ALA B 116 -27.65 -4.05 6.33
C ALA B 116 -27.41 -4.61 4.94
N THR B 117 -26.13 -4.82 4.60
CA THR B 117 -25.78 -5.31 3.27
C THR B 117 -26.33 -6.70 3.05
N ALA B 118 -26.12 -7.58 4.02
CA ALA B 118 -26.59 -8.95 3.88
C ALA B 118 -28.12 -9.00 3.75
N SER B 119 -28.83 -8.18 4.53
CA SER B 119 -30.29 -8.18 4.43
C SER B 119 -30.72 -7.78 3.03
N ALA B 120 -30.08 -6.77 2.46
CA ALA B 120 -30.43 -6.30 1.13
C ALA B 120 -30.10 -7.35 0.07
N ILE B 121 -28.93 -8.00 0.17
CA ILE B 121 -28.57 -9.06 -0.79
C ILE B 121 -29.63 -10.15 -0.76
N LYS B 122 -29.96 -10.61 0.44
CA LYS B 122 -30.89 -11.72 0.56
C LYS B 122 -32.31 -11.36 0.07
N LEU B 123 -32.71 -10.09 0.19
CA LEU B 123 -34.02 -9.70 -0.34
C LEU B 123 -34.04 -9.82 -1.86
N LYS B 124 -32.92 -9.55 -2.52
CA LYS B 124 -32.84 -9.69 -3.97
C LYS B 124 -32.67 -11.15 -4.39
N ASN B 125 -31.86 -11.93 -3.66
CA ASN B 125 -31.65 -13.33 -4.01
C ASN B 125 -31.43 -14.11 -2.72
N ASN B 126 -32.45 -14.82 -2.24
CA ASN B 126 -32.27 -15.46 -0.96
C ASN B 126 -31.37 -16.68 -1.03
N LYS B 127 -31.02 -17.13 -2.23
CA LYS B 127 -30.17 -18.29 -2.41
C LYS B 127 -28.67 -17.95 -2.39
N ALA B 128 -28.31 -16.66 -2.52
CA ALA B 128 -26.92 -16.23 -2.43
C ALA B 128 -26.40 -16.55 -1.03
N LYS B 129 -25.19 -17.10 -0.91
CA LYS B 129 -24.59 -17.35 0.39
C LYS B 129 -23.63 -16.22 0.75
N VAL B 130 -23.76 -15.71 1.97
CA VAL B 130 -23.03 -14.51 2.40
C VAL B 130 -22.22 -14.90 3.61
N LEU B 131 -20.89 -14.66 3.52
CA LEU B 131 -19.97 -14.95 4.61
C LEU B 131 -19.46 -13.67 5.27
N TYR B 132 -19.29 -13.74 6.59
CA TYR B 132 -18.73 -12.65 7.40
C TYR B 132 -17.23 -12.87 7.59
N TYR B 133 -16.44 -11.93 7.13
CA TYR B 133 -14.99 -11.97 7.36
C TYR B 133 -14.69 -11.86 8.85
N ARG B 134 -13.74 -12.66 9.32
CA ARG B 134 -13.21 -12.47 10.67
C ARG B 134 -11.74 -12.84 10.70
N ASN B 135 -10.91 -11.90 11.14
CA ASN B 135 -9.49 -12.17 11.30
C ASN B 135 -9.25 -12.79 12.68
N VAL B 136 -8.56 -13.94 12.71
CA VAL B 136 -8.35 -14.67 13.96
C VAL B 136 -7.34 -14.01 14.88
N VAL B 137 -6.44 -13.16 14.38
CA VAL B 137 -5.42 -12.54 15.23
C VAL B 137 -5.23 -11.06 15.02
N ILE B 138 -5.58 -10.44 13.91
CA ILE B 138 -5.25 -9.04 13.67
C ILE B 138 -6.44 -8.18 14.08
N ASN B 139 -6.20 -7.15 14.88
CA ASN B 139 -7.24 -6.24 15.39
C ASN B 139 -7.40 -5.04 14.46
N TRP B 140 -7.91 -5.31 13.23
CA TRP B 140 -8.20 -4.26 12.27
C TRP B 140 -9.34 -3.35 12.75
N GLY B 141 -9.35 -2.14 12.23
CA GLY B 141 -10.29 -1.12 12.65
C GLY B 141 -11.71 -1.37 12.14
N ASN B 142 -12.60 -0.52 12.64
CA ASN B 142 -13.99 -0.34 12.21
C ASN B 142 -14.98 -1.36 12.73
N TYR B 143 -14.61 -2.19 13.71
CA TYR B 143 -15.54 -3.02 14.46
C TYR B 143 -15.87 -2.28 15.75
N LYS B 144 -17.10 -1.78 15.84
CA LYS B 144 -17.46 -1.03 17.04
C LYS B 144 -17.34 -1.90 18.28
N ASN B 145 -17.68 -3.18 18.18
CA ASN B 145 -17.67 -4.02 19.36
C ASN B 145 -16.24 -4.37 19.76
N ASP B 146 -15.35 -4.52 18.77
CA ASP B 146 -13.95 -4.75 19.10
C ASP B 146 -13.35 -3.53 19.76
N ASP B 147 -13.65 -2.33 19.24
CA ASP B 147 -13.13 -1.11 19.85
C ASP B 147 -13.56 -1.00 21.31
N GLU B 148 -14.81 -1.34 21.61
CA GLU B 148 -15.30 -1.29 22.99
C GLU B 148 -14.57 -2.32 23.85
N PHE B 149 -14.44 -3.55 23.36
CA PHE B 149 -13.80 -4.62 24.11
C PHE B 149 -12.34 -4.29 24.39
N ILE B 150 -11.63 -3.79 23.39
CA ILE B 150 -10.20 -3.52 23.57
C ILE B 150 -9.98 -2.32 24.46
N SER B 151 -10.80 -1.28 24.33
CA SER B 151 -10.71 -0.16 25.27
C SER B 151 -10.91 -0.64 26.70
N LYS B 152 -11.93 -1.47 26.96
CA LYS B 152 -12.17 -1.95 28.32
C LYS B 152 -11.08 -2.90 28.78
N ASN B 153 -10.48 -3.64 27.86
CA ASN B 153 -9.56 -4.73 28.19
C ASN B 153 -8.28 -4.57 27.39
N PRO B 154 -7.44 -3.58 27.71
CA PRO B 154 -6.18 -3.43 26.99
C PRO B 154 -5.30 -4.65 27.07
N SER B 155 -5.47 -5.49 28.11
CA SER B 155 -4.74 -6.73 28.23
C SER B 155 -5.14 -7.76 27.18
N ALA B 156 -6.19 -7.48 26.40
CA ALA B 156 -6.58 -8.39 25.31
C ALA B 156 -5.61 -8.37 24.14
N LEU B 157 -4.74 -7.36 24.06
CA LEU B 157 -3.83 -7.20 22.93
C LEU B 157 -2.50 -7.87 23.21
N LEU B 158 -1.89 -8.40 22.17
CA LEU B 158 -0.66 -9.15 22.28
C LEU B 158 0.55 -8.26 22.56
N LYS B 159 1.33 -8.64 23.58
CA LYS B 159 2.54 -7.91 23.98
C LYS B 159 3.70 -8.87 24.00
N ASN B 160 4.89 -8.28 23.84
CA ASN B 160 6.13 -9.01 23.94
C ASN B 160 6.56 -9.14 25.42
N GLN B 161 7.74 -9.72 25.61
CA GLN B 161 8.21 -10.02 26.96
C GLN B 161 8.53 -8.77 27.77
N ASN B 162 8.68 -7.61 27.13
CA ASN B 162 8.86 -6.31 27.79
C ASN B 162 7.52 -5.59 27.99
N ASN B 163 6.41 -6.27 27.73
CA ASN B 163 5.07 -5.72 27.87
C ASN B 163 4.80 -4.59 26.86
N GLU B 164 5.47 -4.63 25.73
CA GLU B 164 5.21 -3.70 24.66
C GLU B 164 4.26 -4.34 23.63
N LEU B 165 3.31 -3.54 23.15
CA LEU B 165 2.48 -4.00 22.04
C LEU B 165 3.36 -4.30 20.84
N VAL B 166 2.96 -5.31 20.08
CA VAL B 166 3.56 -5.65 18.79
C VAL B 166 2.51 -5.39 17.69
N TYR B 167 3.01 -5.14 16.48
CA TYR B 167 2.18 -4.59 15.44
C TYR B 167 2.42 -5.26 14.09
N MET B 168 1.44 -5.07 13.23
CA MET B 168 1.60 -5.26 11.81
C MET B 168 2.61 -4.31 11.19
N PRO B 169 2.91 -4.47 9.90
CA PRO B 169 3.93 -3.60 9.28
C PRO B 169 3.59 -2.13 9.34
N ASN B 170 2.32 -1.75 9.45
CA ASN B 170 1.97 -0.34 9.57
C ASN B 170 2.37 0.24 10.92
N GLY B 171 2.79 -0.60 11.87
CA GLY B 171 3.23 -0.10 13.16
C GLY B 171 2.14 0.37 14.07
N SER B 172 0.87 0.16 13.72
CA SER B 172 -0.27 0.69 14.47
C SER B 172 -1.36 -0.34 14.70
N THR B 173 -1.54 -1.29 13.79
CA THR B 173 -2.59 -2.31 13.97
C THR B 173 -2.03 -3.43 14.82
N PRO B 174 -2.65 -3.71 15.99
CA PRO B 174 -2.11 -4.72 16.91
C PRO B 174 -2.83 -6.04 16.70
N PHE B 175 -2.53 -7.01 17.58
CA PHE B 175 -3.06 -8.36 17.49
C PHE B 175 -3.82 -8.73 18.76
N PHE B 176 -4.85 -9.56 18.61
CA PHE B 176 -5.50 -10.19 19.76
C PHE B 176 -4.56 -11.21 20.37
N ASP B 177 -4.43 -11.19 21.71
CA ASP B 177 -3.71 -12.26 22.39
C ASP B 177 -4.65 -13.43 22.62
N ILE B 178 -4.74 -14.30 21.63
CA ILE B 178 -5.70 -15.39 21.69
C ILE B 178 -5.28 -16.49 22.66
N THR B 179 -4.13 -16.36 23.34
CA THR B 179 -3.79 -17.31 24.40
C THR B 179 -4.63 -17.07 25.62
N LYS B 180 -5.29 -15.93 25.76
CA LYS B 180 -6.10 -15.63 26.91
C LYS B 180 -7.53 -16.10 26.72
N SER B 181 -8.06 -16.83 27.72
CA SER B 181 -9.39 -17.41 27.57
C SER B 181 -10.43 -16.35 27.28
N PHE B 182 -10.40 -15.20 27.97
CA PHE B 182 -11.46 -14.22 27.77
C PHE B 182 -11.44 -13.66 26.35
N VAL B 183 -10.24 -13.60 25.75
CA VAL B 183 -10.13 -13.17 24.34
C VAL B 183 -10.71 -14.23 23.41
N GLN B 184 -10.35 -15.50 23.65
CA GLN B 184 -10.94 -16.59 22.87
C GLN B 184 -12.46 -16.53 22.90
N GLU B 185 -13.04 -16.34 24.08
CA GLU B 185 -14.49 -16.35 24.24
C GLU B 185 -15.12 -15.16 23.58
N TYR B 186 -14.48 -13.98 23.72
CA TYR B 186 -15.01 -12.81 23.03
C TYR B 186 -15.01 -13.04 21.51
N TRP B 187 -13.91 -13.58 21.00
CA TRP B 187 -13.77 -13.73 19.55
C TRP B 187 -14.78 -14.75 19.03
N LEU B 188 -14.82 -15.92 19.66
CA LEU B 188 -15.75 -16.95 19.22
C LEU B 188 -17.18 -16.47 19.27
N LYS B 189 -17.58 -15.78 20.35
CA LYS B 189 -18.95 -15.30 20.43
C LYS B 189 -19.23 -14.26 19.37
N SER B 190 -18.24 -13.41 19.06
CA SER B 190 -18.48 -12.42 18.03
C SER B 190 -18.79 -13.08 16.69
N VAL B 191 -18.09 -14.18 16.37
CA VAL B 191 -18.33 -14.89 15.13
C VAL B 191 -19.69 -15.59 15.17
N GLU B 192 -19.91 -16.34 16.24
CA GLU B 192 -21.14 -17.12 16.36
C GLU B 192 -22.36 -16.21 16.37
N ASP B 193 -22.31 -15.09 17.10
CA ASP B 193 -23.42 -14.15 17.13
C ASP B 193 -23.72 -13.60 15.74
N MET B 194 -22.67 -13.27 14.95
CA MET B 194 -22.97 -12.66 13.67
C MET B 194 -23.47 -13.74 12.70
N VAL B 195 -22.92 -14.95 12.76
CA VAL B 195 -23.39 -16.01 11.88
C VAL B 195 -24.82 -16.43 12.23
N ALA B 196 -25.24 -16.27 13.49
CA ALA B 196 -26.61 -16.64 13.87
C ALA B 196 -27.65 -15.68 13.32
N THR B 197 -27.28 -14.49 12.86
CA THR B 197 -28.25 -13.56 12.30
C THR B 197 -28.80 -14.11 10.99
N PRO B 198 -29.99 -13.69 10.58
CA PRO B 198 -30.69 -14.48 9.58
C PRO B 198 -30.14 -14.39 8.18
N ASN B 199 -29.43 -13.31 7.84
CA ASN B 199 -28.97 -13.08 6.48
C ASN B 199 -27.50 -13.43 6.24
N ILE B 200 -26.87 -14.04 7.22
CA ILE B 200 -25.46 -14.45 7.16
C ILE B 200 -25.42 -15.97 7.23
N ASP B 201 -24.70 -16.58 6.31
CA ASP B 201 -24.64 -18.03 6.23
C ASP B 201 -23.38 -18.67 6.80
N GLY B 202 -22.35 -17.89 7.10
CA GLY B 202 -21.11 -18.46 7.56
C GLY B 202 -20.08 -17.38 7.74
N THR B 203 -18.84 -17.84 7.86
CA THR B 203 -17.73 -16.98 8.14
C THR B 203 -16.53 -17.34 7.28
N PHE B 204 -15.70 -16.31 7.01
CA PHE B 204 -14.42 -16.43 6.33
C PHE B 204 -13.39 -16.16 7.40
N ILE B 205 -12.61 -17.17 7.77
CA ILE B 205 -11.58 -17.02 8.81
C ILE B 205 -10.25 -16.71 8.16
N ASP B 206 -9.68 -15.56 8.49
CA ASP B 206 -8.44 -15.07 7.91
C ASP B 206 -7.33 -15.13 8.95
N ALA B 207 -6.11 -15.19 8.42
CA ALA B 207 -4.82 -15.09 9.14
C ALA B 207 -4.39 -16.39 9.83
N ASN B 208 -5.03 -17.50 9.46
CA ASN B 208 -4.60 -18.82 9.90
C ASN B 208 -3.09 -19.00 9.70
N ILE B 209 -2.59 -18.54 8.55
CA ILE B 209 -1.20 -18.83 8.21
C ILE B 209 -0.25 -18.02 9.03
N LYS B 210 -0.66 -16.84 9.48
CA LYS B 210 0.16 -16.07 10.42
C LYS B 210 0.32 -16.80 11.73
N VAL B 211 -0.70 -17.54 12.16
CA VAL B 211 -0.55 -18.37 13.37
C VAL B 211 0.35 -19.55 13.10
N LEU B 212 0.17 -20.21 11.98
CA LEU B 212 0.74 -21.54 11.75
C LEU B 212 2.17 -21.54 11.22
N VAL B 213 2.66 -20.43 10.68
CA VAL B 213 4.06 -20.30 10.29
C VAL B 213 4.79 -19.76 11.53
N PRO B 214 5.60 -20.58 12.23
CA PRO B 214 6.05 -20.12 13.55
C PRO B 214 6.78 -18.78 13.57
N SER B 215 7.58 -18.51 12.53
CA SER B 215 8.38 -17.29 12.57
C SER B 215 7.55 -16.01 12.61
N PHE B 216 6.29 -16.03 12.13
CA PHE B 216 5.51 -14.80 12.11
C PHE B 216 5.38 -14.22 13.50
N PHE B 217 4.90 -15.01 14.47
CA PHE B 217 4.80 -14.51 15.84
C PHE B 217 6.06 -14.72 16.69
N SER B 218 6.82 -15.77 16.43
CA SER B 218 8.00 -15.98 17.27
C SER B 218 8.96 -14.80 17.15
N SER B 219 9.04 -14.18 15.96
CA SER B 219 9.91 -13.03 15.75
C SER B 219 9.43 -11.78 16.46
N LYS B 220 8.17 -11.77 16.91
CA LYS B 220 7.56 -10.66 17.60
C LYS B 220 7.48 -10.84 19.11
N VAL B 221 7.09 -12.03 19.57
CA VAL B 221 6.72 -12.22 20.97
C VAL B 221 7.44 -13.38 21.62
N GLY B 222 8.31 -14.06 20.90
CA GLY B 222 9.10 -15.12 21.48
C GLY B 222 8.52 -16.48 21.14
N VAL B 223 9.37 -17.49 21.27
CA VAL B 223 9.02 -18.83 20.80
C VAL B 223 7.97 -19.46 21.70
N ASN B 224 8.02 -19.19 23.02
CA ASN B 224 7.02 -19.80 23.89
C ASN B 224 5.64 -19.25 23.58
N LYS B 225 5.55 -17.95 23.41
CA LYS B 225 4.26 -17.35 23.14
C LYS B 225 3.70 -17.81 21.79
N GLN B 226 4.51 -17.98 20.76
CA GLN B 226 3.99 -18.49 19.49
C GLN B 226 3.38 -19.85 19.64
N ALA B 227 4.04 -20.75 20.39
CA ALA B 227 3.51 -22.10 20.54
C ALA B 227 2.16 -22.05 21.25
N GLU B 228 2.02 -21.16 22.21
CA GLU B 228 0.77 -21.00 22.93
C GLU B 228 -0.31 -20.40 22.04
N ILE B 229 0.03 -19.42 21.19
CA ILE B 229 -0.92 -18.88 20.21
C ILE B 229 -1.44 -20.00 19.32
N GLU B 230 -0.55 -20.87 18.85
CA GLU B 230 -0.94 -21.96 17.98
C GLU B 230 -1.88 -22.93 18.68
N ASN B 231 -1.54 -23.30 19.93
CA ASN B 231 -2.41 -24.21 20.67
C ASN B 231 -3.80 -23.63 20.85
N SER B 232 -3.87 -22.34 21.22
CA SER B 232 -5.16 -21.69 21.40
C SER B 232 -5.93 -21.59 20.08
N TYR B 233 -5.24 -21.32 18.99
CA TYR B 233 -5.87 -21.26 17.67
C TYR B 233 -6.55 -22.57 17.33
N PHE B 234 -5.88 -23.72 17.54
CA PHE B 234 -6.52 -24.99 17.25
C PHE B 234 -7.77 -25.23 18.11
N SER B 235 -7.72 -24.83 19.37
CA SER B 235 -8.89 -24.97 20.25
C SER B 235 -10.05 -24.13 19.72
N MET B 236 -9.75 -22.91 19.27
CA MET B 236 -10.76 -22.02 18.73
C MET B 236 -11.34 -22.58 17.44
N MET B 237 -10.52 -23.15 16.56
CA MET B 237 -11.03 -23.72 15.32
C MET B 237 -11.88 -24.94 15.58
N SER B 238 -11.51 -25.76 16.58
CA SER B 238 -12.35 -26.90 16.95
C SER B 238 -13.68 -26.43 17.47
N ARG B 239 -13.71 -25.35 18.27
CA ARG B 239 -14.97 -24.82 18.77
C ARG B 239 -15.86 -24.36 17.63
N LEU B 240 -15.29 -23.60 16.68
CA LEU B 240 -16.09 -23.09 15.59
C LEU B 240 -16.61 -24.21 14.71
N LYS B 241 -15.80 -25.24 14.47
CA LYS B 241 -16.22 -26.35 13.63
C LYS B 241 -17.52 -26.93 14.17
N GLU B 242 -17.62 -27.02 15.48
CA GLU B 242 -18.83 -27.58 16.09
C GLU B 242 -19.96 -26.56 16.10
N SER B 243 -19.71 -25.31 16.54
CA SER B 243 -20.82 -24.37 16.69
C SER B 243 -21.40 -23.96 15.34
N LEU B 244 -20.59 -23.95 14.28
CA LEU B 244 -21.02 -23.54 12.95
C LEU B 244 -21.30 -24.73 12.03
N SER B 245 -21.63 -25.90 12.63
CA SER B 245 -21.85 -27.10 11.83
C SER B 245 -23.08 -27.01 10.95
N ASN B 246 -23.99 -26.08 11.20
CA ASN B 246 -25.13 -25.84 10.34
C ASN B 246 -24.94 -24.63 9.45
N ASN B 247 -23.68 -24.20 9.29
CA ASN B 247 -23.30 -23.00 8.53
C ASN B 247 -22.05 -23.33 7.73
N LEU B 248 -21.47 -22.32 7.09
CA LEU B 248 -20.24 -22.50 6.32
C LEU B 248 -19.04 -21.83 7.00
N ILE B 249 -17.90 -22.50 6.95
CA ILE B 249 -16.62 -21.93 7.39
C ILE B 249 -15.63 -22.05 6.25
N LEU B 250 -15.24 -20.91 5.68
CA LEU B 250 -14.23 -20.87 4.63
C LEU B 250 -12.97 -20.26 5.23
N ALA B 251 -11.77 -20.82 4.96
CA ALA B 251 -10.56 -20.29 5.56
C ALA B 251 -9.53 -19.95 4.50
N ASN B 252 -8.73 -18.93 4.77
CA ASN B 252 -7.53 -18.59 3.98
C ASN B 252 -6.41 -19.50 4.47
N ILE B 253 -6.32 -20.69 3.87
CA ILE B 253 -5.48 -21.76 4.42
C ILE B 253 -4.62 -22.51 3.40
N ILE B 254 -5.10 -22.85 2.22
CA ILE B 254 -4.26 -23.53 1.24
C ILE B 254 -3.25 -22.52 0.68
N ARG B 255 -1.97 -22.88 0.72
CA ARG B 255 -0.88 -21.97 0.40
C ARG B 255 0.40 -22.79 0.33
N VAL B 256 1.16 -22.58 -0.72
CA VAL B 256 2.47 -23.21 -0.81
C VAL B 256 3.35 -22.59 0.27
N ARG B 257 3.91 -23.44 1.13
CA ARG B 257 4.71 -23.05 2.26
C ARG B 257 5.76 -24.13 2.54
N PRO B 258 7.02 -23.78 2.75
CA PRO B 258 7.98 -24.84 3.14
C PRO B 258 7.64 -25.50 4.45
N GLU B 259 6.96 -24.79 5.35
CA GLU B 259 6.58 -25.31 6.65
C GLU B 259 5.44 -26.32 6.59
N PHE B 260 4.69 -26.36 5.50
CA PHE B 260 3.52 -27.21 5.37
C PHE B 260 3.81 -28.25 4.30
N GLU B 261 4.09 -29.50 4.72
CA GLU B 261 4.38 -30.53 3.74
C GLU B 261 3.24 -30.75 2.76
N GLU B 262 1.99 -30.48 3.16
CA GLU B 262 0.84 -30.63 2.28
C GLU B 262 0.27 -29.29 1.81
N ASN B 263 1.01 -28.19 2.02
CA ASN B 263 0.65 -26.88 1.51
C ASN B 263 -0.72 -26.45 1.98
N GLY B 264 -1.03 -26.79 3.22
CA GLY B 264 -2.22 -26.34 3.91
C GLY B 264 -3.31 -27.36 4.01
N LEU B 265 -3.31 -28.42 3.20
CA LEU B 265 -4.30 -29.48 3.32
C LEU B 265 -4.32 -30.07 4.71
N GLU B 266 -3.20 -30.07 5.39
CA GLU B 266 -3.18 -30.71 6.69
C GLU B 266 -4.03 -29.98 7.72
N TYR B 267 -4.50 -28.78 7.42
CA TYR B 267 -5.34 -28.01 8.32
C TYR B 267 -6.78 -27.90 7.83
N LEU B 268 -7.08 -28.44 6.68
CA LEU B 268 -8.36 -28.19 6.02
C LEU B 268 -9.51 -28.91 6.70
N GLY B 269 -9.24 -29.91 7.55
CA GLY B 269 -10.31 -30.61 8.23
C GLY B 269 -11.14 -29.75 9.16
N TYR B 270 -10.64 -28.59 9.56
CA TYR B 270 -11.44 -27.70 10.39
C TYR B 270 -12.53 -26.95 9.62
N PHE B 271 -12.48 -26.95 8.28
CA PHE B 271 -13.21 -25.98 7.50
C PHE B 271 -14.00 -26.66 6.38
N ASN B 272 -14.98 -25.94 5.84
CA ASN B 272 -15.70 -26.43 4.68
C ASN B 272 -14.99 -26.15 3.36
N GLY B 273 -13.96 -25.32 3.37
CA GLY B 273 -13.19 -25.06 2.17
C GLY B 273 -12.13 -24.02 2.43
N SER B 274 -11.40 -23.72 1.36
CA SER B 274 -10.35 -22.72 1.41
C SER B 274 -10.55 -21.65 0.35
N TYR B 275 -10.23 -20.44 0.76
CA TYR B 275 -9.91 -19.35 -0.15
C TYR B 275 -8.43 -19.44 -0.49
N LEU B 276 -8.11 -19.01 -1.70
CA LEU B 276 -6.74 -19.01 -2.19
C LEU B 276 -6.30 -17.61 -2.54
N GLU B 277 -5.14 -17.19 -2.03
CA GLU B 277 -4.46 -15.99 -2.49
C GLU B 277 -2.97 -16.31 -2.52
N GLY B 278 -2.21 -15.37 -3.05
CA GLY B 278 -0.80 -15.61 -3.33
C GLY B 278 -0.57 -16.79 -4.24
N PHE B 279 -1.55 -17.17 -5.04
CA PHE B 279 -1.54 -18.47 -5.69
C PHE B 279 -0.54 -18.51 -6.83
N ASP B 280 -0.30 -17.38 -7.49
CA ASP B 280 0.65 -17.26 -8.60
C ASP B 280 1.82 -16.37 -8.22
N SER B 281 2.05 -16.15 -6.93
CA SER B 281 3.10 -15.27 -6.45
C SER B 281 4.14 -16.15 -5.77
N GLU B 282 5.17 -16.54 -6.52
CA GLU B 282 6.13 -17.48 -5.99
C GLU B 282 7.03 -16.86 -4.92
N ALA B 283 7.60 -17.74 -4.10
CA ALA B 283 8.51 -17.37 -3.03
C ALA B 283 9.44 -18.56 -2.77
N PHE B 284 10.29 -18.41 -1.77
CA PHE B 284 11.12 -19.50 -1.27
C PHE B 284 12.15 -19.97 -2.30
N GLY B 285 12.47 -19.14 -3.28
CA GLY B 285 13.39 -19.55 -4.35
C GLY B 285 12.79 -20.46 -5.39
N MET B 286 11.48 -20.70 -5.34
CA MET B 286 10.82 -21.58 -6.27
C MET B 286 10.56 -20.84 -7.57
N SER B 287 10.57 -21.57 -8.68
CA SER B 287 10.09 -20.98 -9.93
C SER B 287 8.60 -20.74 -9.86
N ASN B 288 8.14 -19.76 -10.63
CA ASN B 288 6.70 -19.51 -10.73
C ASN B 288 5.97 -20.77 -11.15
N ALA B 289 6.49 -21.50 -12.15
CA ALA B 289 5.79 -22.66 -12.65
C ALA B 289 5.72 -23.75 -11.58
N GLU B 290 6.84 -24.04 -10.88
CA GLU B 290 6.78 -25.14 -9.91
C GLU B 290 5.95 -24.76 -8.68
N TYR B 291 5.95 -23.48 -8.31
CA TYR B 291 5.08 -22.97 -7.24
C TYR B 291 3.62 -23.16 -7.61
N LEU B 292 3.26 -22.85 -8.86
CA LEU B 292 1.88 -23.10 -9.29
C LEU B 292 1.56 -24.59 -9.37
N VAL B 293 2.51 -25.43 -9.79
CA VAL B 293 2.24 -26.85 -9.83
C VAL B 293 1.84 -27.35 -8.44
N GLU B 294 2.56 -26.91 -7.41
CA GLU B 294 2.25 -27.35 -6.04
C GLU B 294 0.89 -26.83 -5.57
N GLY B 295 0.57 -25.57 -5.89
CA GLY B 295 -0.73 -25.04 -5.51
C GLY B 295 -1.85 -25.73 -6.24
N ILE B 296 -1.66 -26.01 -7.51
CA ILE B 296 -2.66 -26.72 -8.29
C ILE B 296 -2.91 -28.10 -7.69
N GLU B 297 -1.84 -28.82 -7.32
CA GLU B 297 -2.00 -30.14 -6.75
C GLU B 297 -2.78 -30.09 -5.43
N ALA B 298 -2.47 -29.12 -4.58
CA ALA B 298 -3.22 -28.98 -3.33
C ALA B 298 -4.68 -28.70 -3.60
N THR B 299 -4.93 -27.77 -4.53
CA THR B 299 -6.29 -27.34 -4.80
C THR B 299 -7.11 -28.45 -5.41
N GLN B 300 -6.53 -29.18 -6.37
CA GLN B 300 -7.21 -30.33 -6.96
C GLN B 300 -7.62 -31.34 -5.89
N LYS B 301 -6.71 -31.67 -4.99
CA LYS B 301 -7.02 -32.66 -3.96
C LYS B 301 -8.16 -32.17 -3.09
N ALA B 302 -8.08 -30.90 -2.65
CA ALA B 302 -9.14 -30.35 -1.82
C ALA B 302 -10.49 -30.36 -2.53
N ALA B 303 -10.52 -29.82 -3.75
CA ALA B 303 -11.77 -29.75 -4.51
C ALA B 303 -12.35 -31.13 -4.77
N GLN B 304 -11.50 -32.09 -5.09
CA GLN B 304 -11.96 -33.43 -5.40
C GLN B 304 -12.50 -34.13 -4.16
N SER B 305 -12.13 -33.67 -2.97
CA SER B 305 -12.66 -34.20 -1.71
C SER B 305 -13.98 -33.58 -1.31
N GLY B 306 -14.46 -32.59 -2.06
CA GLY B 306 -15.73 -31.95 -1.79
C GLY B 306 -15.62 -30.66 -1.02
N LYS B 307 -14.43 -30.15 -0.79
CA LYS B 307 -14.25 -28.87 -0.13
C LYS B 307 -14.53 -27.71 -1.09
N ILE B 308 -15.11 -26.64 -0.57
CA ILE B 308 -15.29 -25.40 -1.33
C ILE B 308 -13.92 -24.79 -1.62
N ILE B 309 -13.75 -24.27 -2.85
CA ILE B 309 -12.58 -23.49 -3.22
C ILE B 309 -13.05 -22.16 -3.74
N THR B 310 -12.46 -21.08 -3.21
CA THR B 310 -12.67 -19.75 -3.77
C THR B 310 -11.29 -19.22 -4.21
N MET B 311 -10.99 -19.36 -5.49
CA MET B 311 -9.69 -18.97 -6.01
C MET B 311 -9.70 -17.52 -6.41
N THR B 312 -8.87 -16.72 -5.75
CA THR B 312 -8.68 -15.33 -6.15
C THR B 312 -7.36 -15.19 -6.87
N LEU B 313 -7.35 -14.44 -7.97
CA LEU B 313 -6.17 -14.15 -8.77
C LEU B 313 -6.21 -12.69 -9.17
N GLY B 314 -5.12 -11.98 -8.94
CA GLY B 314 -5.08 -10.57 -9.25
C GLY B 314 -4.85 -10.32 -10.72
N LEU B 315 -5.61 -9.38 -11.27
CA LEU B 315 -5.34 -8.71 -12.54
C LEU B 315 -4.69 -7.35 -12.33
N GLY B 316 -4.39 -6.96 -11.08
CA GLY B 316 -3.84 -5.64 -10.83
C GLY B 316 -2.64 -5.31 -11.71
N GLU B 317 -1.77 -6.29 -11.96
CA GLU B 317 -0.54 -6.04 -12.71
C GLU B 317 -0.78 -5.96 -14.19
N ALA B 318 -1.81 -6.62 -14.71
CA ALA B 318 -2.12 -6.52 -16.13
C ALA B 318 -3.01 -5.31 -16.45
N ILE B 319 -3.61 -4.72 -15.43
CA ILE B 319 -4.47 -3.53 -15.53
C ILE B 319 -3.72 -2.26 -15.22
N ASP B 320 -2.72 -2.32 -14.35
CA ASP B 320 -1.93 -1.15 -14.01
C ASP B 320 -1.42 -0.49 -15.28
N ASN B 321 -1.59 0.85 -15.38
CA ASN B 321 -1.21 1.59 -16.59
C ASN B 321 -0.38 2.83 -16.27
N ASN B 322 0.21 2.89 -15.08
CA ASN B 322 1.14 3.96 -14.72
C ASN B 322 0.44 5.32 -14.71
N THR B 323 -0.82 5.32 -14.25
CA THR B 323 -1.59 6.55 -14.05
C THR B 323 -2.41 6.42 -12.78
N GLY B 324 -2.92 7.55 -12.27
CA GLY B 324 -3.85 7.57 -11.16
C GLY B 324 -3.30 8.04 -9.83
N ILE B 325 -2.01 8.29 -9.74
CA ILE B 325 -1.38 8.76 -8.48
C ILE B 325 -1.41 10.27 -8.36
N ASP B 326 -0.92 10.96 -9.40
CA ASP B 326 -0.88 12.42 -9.46
C ASP B 326 -1.63 12.91 -10.71
N ASP B 327 -2.37 12.03 -11.38
CA ASP B 327 -3.12 12.37 -12.57
C ASP B 327 -4.37 11.47 -12.58
N GLN B 328 -5.27 11.73 -13.54
CA GLN B 328 -6.42 10.87 -13.72
C GLN B 328 -5.97 9.45 -14.04
N ARG B 329 -6.68 8.50 -13.48
CA ARG B 329 -6.42 7.11 -13.81
C ARG B 329 -7.06 6.83 -15.16
N GLU B 330 -6.26 6.45 -16.14
CA GLU B 330 -6.80 6.21 -17.48
C GLU B 330 -7.59 4.90 -17.52
N ASP B 331 -8.65 4.90 -18.32
CA ASP B 331 -9.47 3.70 -18.54
C ASP B 331 -8.58 2.55 -19.01
N VAL B 332 -8.81 1.38 -18.44
CA VAL B 332 -8.29 0.15 -19.02
C VAL B 332 -9.36 -0.39 -19.95
N ASP B 333 -8.98 -0.71 -21.17
CA ASP B 333 -9.91 -1.24 -22.14
C ASP B 333 -10.23 -2.68 -21.74
N LEU B 334 -11.42 -2.89 -21.19
CA LEU B 334 -11.77 -4.21 -20.70
C LEU B 334 -12.04 -5.20 -21.82
N ASN B 335 -12.08 -4.74 -23.08
CA ASN B 335 -12.24 -5.62 -24.24
C ASN B 335 -10.93 -5.88 -24.98
N ASP B 336 -9.82 -5.34 -24.47
CA ASP B 336 -8.51 -5.40 -25.08
C ASP B 336 -8.07 -6.85 -25.32
N GLU B 337 -7.34 -7.07 -26.41
CA GLU B 337 -6.81 -8.40 -26.69
C GLU B 337 -5.84 -8.86 -25.60
N GLU B 338 -4.96 -7.97 -25.15
CA GLU B 338 -3.98 -8.41 -24.15
C GLU B 338 -4.63 -8.70 -22.81
N LEU B 339 -5.57 -7.87 -22.37
CA LEU B 339 -6.22 -8.18 -21.12
C LEU B 339 -6.99 -9.48 -21.24
N ASN B 340 -7.64 -9.72 -22.36
CA ASN B 340 -8.40 -10.95 -22.50
C ASN B 340 -7.50 -12.19 -22.50
N LYS B 341 -6.30 -12.09 -23.05
CA LYS B 341 -5.33 -13.20 -22.94
C LYS B 341 -4.96 -13.46 -21.49
N ARG B 342 -4.81 -12.41 -20.68
CA ARG B 342 -4.52 -12.60 -19.27
C ARG B 342 -5.70 -13.23 -18.52
N VAL B 343 -6.92 -12.77 -18.79
CA VAL B 343 -8.11 -13.42 -18.22
C VAL B 343 -8.14 -14.90 -18.60
N ASP B 344 -7.87 -15.21 -19.89
CA ASP B 344 -7.87 -16.62 -20.33
C ASP B 344 -6.87 -17.43 -19.51
N TYR B 345 -5.67 -16.89 -19.29
CA TYR B 345 -4.63 -17.60 -18.56
C TYR B 345 -5.10 -17.88 -17.13
N LEU B 346 -5.59 -16.85 -16.43
CA LEU B 346 -5.98 -17.02 -15.04
C LEU B 346 -7.19 -17.92 -14.90
N LEU B 347 -8.15 -17.82 -15.84
CA LEU B 347 -9.27 -18.75 -15.80
C LEU B 347 -8.83 -20.18 -16.11
N ALA B 348 -7.82 -20.33 -16.96
CA ALA B 348 -7.32 -21.67 -17.24
C ALA B 348 -6.70 -22.33 -16.00
N ILE B 349 -5.96 -21.56 -15.21
CA ILE B 349 -5.46 -22.11 -13.94
C ILE B 349 -6.60 -22.57 -13.07
N PHE B 350 -7.64 -21.73 -12.90
CA PHE B 350 -8.80 -22.12 -12.12
C PHE B 350 -9.47 -23.39 -12.67
N LEU B 351 -9.69 -23.43 -13.99
CA LEU B 351 -10.42 -24.54 -14.58
C LEU B 351 -9.65 -25.85 -14.51
N ILE B 352 -8.33 -25.80 -14.53
CA ILE B 352 -7.51 -27.00 -14.35
C ILE B 352 -7.73 -27.59 -12.96
N CYS B 353 -8.13 -26.77 -11.98
CA CYS B 353 -8.34 -27.20 -10.60
C CYS B 353 -9.77 -27.51 -10.25
N ALA B 354 -10.73 -26.87 -10.90
CA ALA B 354 -12.08 -26.74 -10.38
C ALA B 354 -12.83 -28.05 -10.29
N GLU B 355 -13.67 -28.15 -9.24
CA GLU B 355 -14.70 -29.17 -9.14
C GLU B 355 -15.99 -28.49 -8.72
N LYS B 356 -17.04 -29.25 -8.50
CA LYS B 356 -18.26 -28.70 -7.91
C LYS B 356 -17.88 -27.93 -6.66
N TYR B 357 -18.41 -26.72 -6.54
CA TYR B 357 -18.19 -25.83 -5.38
C TYR B 357 -16.83 -25.12 -5.43
N SER B 358 -16.23 -25.03 -6.61
CA SER B 358 -15.09 -24.16 -6.86
C SER B 358 -15.60 -22.92 -7.58
N TYR B 359 -15.10 -21.75 -7.14
CA TYR B 359 -15.55 -20.45 -7.65
C TYR B 359 -14.32 -19.58 -7.84
N VAL B 360 -14.38 -18.65 -8.81
CA VAL B 360 -13.20 -17.84 -9.14
C VAL B 360 -13.51 -16.34 -9.05
N TYR B 361 -12.52 -15.56 -8.66
CA TYR B 361 -12.57 -14.09 -8.70
C TYR B 361 -11.25 -13.55 -9.23
N LEU B 362 -11.31 -12.95 -10.40
CA LEU B 362 -10.19 -12.21 -10.99
C LEU B 362 -10.40 -10.75 -10.65
N HIS B 363 -9.53 -10.18 -9.87
CA HIS B 363 -9.84 -8.95 -9.14
C HIS B 363 -8.79 -7.86 -9.37
N ASP B 364 -9.24 -6.64 -9.04
CA ASP B 364 -8.42 -5.44 -8.93
C ASP B 364 -8.61 -4.89 -7.53
N GLY B 365 -8.32 -5.72 -6.54
CA GLY B 365 -8.49 -5.38 -5.15
C GLY B 365 -9.91 -5.54 -4.66
N TYR B 366 -10.08 -5.55 -3.35
CA TYR B 366 -11.36 -5.89 -2.76
C TYR B 366 -12.22 -4.67 -2.44
N LEU B 367 -11.67 -3.47 -2.53
CA LEU B 367 -12.43 -2.24 -2.33
C LEU B 367 -13.18 -1.89 -3.61
N ALA B 368 -14.52 -1.92 -3.55
CA ALA B 368 -15.31 -1.76 -4.77
C ALA B 368 -15.00 -0.46 -5.51
N THR B 369 -14.85 0.64 -4.78
CA THR B 369 -14.70 1.95 -5.41
C THR B 369 -13.30 2.18 -5.99
N ASN B 370 -12.36 1.25 -5.81
CA ASN B 370 -11.01 1.36 -6.35
C ASN B 370 -10.69 0.26 -7.35
N SER B 371 -11.68 -0.53 -7.76
CA SER B 371 -11.49 -1.67 -8.64
C SER B 371 -11.98 -1.36 -10.04
N ALA B 372 -11.11 -1.57 -11.04
CA ALA B 372 -11.51 -1.36 -12.43
C ALA B 372 -12.45 -2.43 -12.95
N VAL B 373 -12.62 -3.53 -12.25
CA VAL B 373 -13.50 -4.60 -12.71
C VAL B 373 -14.80 -4.66 -11.92
N TRP B 374 -15.00 -3.76 -10.97
CA TRP B 374 -16.24 -3.73 -10.21
C TRP B 374 -17.39 -3.52 -11.16
N LEU B 375 -18.43 -4.35 -11.00
CA LEU B 375 -19.66 -4.37 -11.81
C LEU B 375 -19.45 -4.97 -13.20
N HIS B 376 -18.26 -5.44 -13.54
CA HIS B 376 -17.96 -5.88 -14.88
C HIS B 376 -18.11 -7.39 -15.01
N GLN B 377 -18.51 -7.83 -16.18
CA GLN B 377 -18.56 -9.26 -16.56
C GLN B 377 -17.74 -9.45 -17.82
N PHE B 378 -16.62 -10.19 -17.72
CA PHE B 378 -15.87 -10.53 -18.89
C PHE B 378 -16.68 -11.50 -19.76
N ASP B 379 -16.39 -11.49 -21.06
CA ASP B 379 -17.14 -12.36 -21.97
C ASP B 379 -16.95 -13.82 -21.62
N GLN B 380 -15.79 -14.17 -21.07
CA GLN B 380 -15.49 -15.52 -20.65
C GLN B 380 -16.41 -16.00 -19.54
N TYR B 381 -17.10 -15.10 -18.83
CA TYR B 381 -18.03 -15.45 -17.80
C TYR B 381 -19.43 -15.78 -18.32
N LYS B 382 -19.69 -15.42 -19.58
CA LYS B 382 -21.02 -15.57 -20.15
C LYS B 382 -21.12 -16.78 -21.08
N LYS B 383 -20.00 -17.25 -21.59
CA LYS B 383 -20.01 -18.34 -22.56
C LYS B 383 -20.30 -19.68 -21.89
N ALA B 384 -20.91 -20.59 -22.66
CA ALA B 384 -21.24 -21.89 -22.12
C ALA B 384 -19.97 -22.63 -21.77
N LEU B 385 -19.94 -23.16 -20.56
CA LEU B 385 -18.80 -23.90 -20.05
C LEU B 385 -19.11 -25.38 -20.05
N GLY B 386 -20.06 -25.82 -19.23
CA GLY B 386 -20.46 -27.21 -19.14
C GLY B 386 -19.59 -28.01 -18.19
N ALA B 387 -20.06 -29.21 -17.86
CA ALA B 387 -19.37 -30.01 -16.88
C ALA B 387 -18.06 -30.55 -17.42
N PRO B 388 -17.07 -30.77 -16.55
CA PRO B 388 -15.82 -31.41 -17.00
C PRO B 388 -16.11 -32.80 -17.50
N LEU B 389 -15.43 -33.18 -18.58
CA LEU B 389 -15.49 -34.57 -19.05
C LEU B 389 -14.29 -35.40 -18.61
N GLY B 390 -13.40 -34.84 -17.80
CA GLY B 390 -12.34 -35.59 -17.13
C GLY B 390 -11.48 -34.65 -16.32
N LYS B 391 -10.66 -35.23 -15.44
CA LYS B 391 -9.71 -34.41 -14.70
C LYS B 391 -8.69 -33.82 -15.65
N ALA B 392 -8.04 -32.77 -15.19
CA ALA B 392 -6.97 -32.18 -15.97
C ALA B 392 -5.85 -33.20 -16.16
N ILE B 393 -5.19 -33.12 -17.30
CA ILE B 393 -4.02 -33.94 -17.59
C ILE B 393 -2.80 -33.03 -17.61
N LYS B 394 -1.77 -33.40 -16.87
CA LYS B 394 -0.54 -32.66 -16.77
C LYS B 394 0.55 -33.31 -17.60
N ASN B 395 1.10 -32.57 -18.56
CA ASN B 395 2.24 -33.03 -19.38
C ASN B 395 3.32 -31.96 -19.26
N GLY B 396 4.21 -32.17 -18.29
CA GLY B 396 5.19 -31.14 -17.99
C GLY B 396 4.49 -29.98 -17.30
N TYR B 397 4.67 -28.77 -17.84
CA TYR B 397 4.01 -27.57 -17.34
C TYR B 397 2.82 -27.19 -18.19
N ILE B 398 2.41 -28.07 -19.10
CA ILE B 398 1.23 -27.86 -19.95
C ILE B 398 0.13 -28.75 -19.46
N TYR B 399 -1.01 -28.17 -19.13
CA TYR B 399 -2.17 -28.91 -18.69
C TYR B 399 -3.27 -28.77 -19.72
N THR B 400 -4.07 -29.81 -19.92
CA THR B 400 -5.29 -29.73 -20.70
C THR B 400 -6.47 -30.24 -19.91
N ARG B 401 -7.64 -29.72 -20.21
CA ARG B 401 -8.86 -30.29 -19.66
C ARG B 401 -10.05 -30.01 -20.59
N LYS B 402 -10.96 -30.95 -20.69
CA LYS B 402 -12.11 -30.81 -21.55
C LYS B 402 -13.38 -30.67 -20.72
N PHE B 403 -14.23 -29.72 -21.10
CA PHE B 403 -15.55 -29.52 -20.57
C PHE B 403 -16.55 -29.69 -21.71
N GLU B 404 -17.83 -29.79 -21.38
CA GLU B 404 -18.84 -30.03 -22.41
C GLU B 404 -18.73 -29.01 -23.55
N ASN B 405 -18.49 -27.73 -23.20
CA ASN B 405 -18.49 -26.66 -24.17
C ASN B 405 -17.17 -25.89 -24.23
N LEU B 406 -16.07 -26.49 -23.79
CA LEU B 406 -14.81 -25.77 -23.74
C LEU B 406 -13.65 -26.74 -23.66
N ASP B 407 -12.58 -26.44 -24.38
CA ASP B 407 -11.32 -27.12 -24.21
C ASP B 407 -10.28 -26.13 -23.70
N VAL B 408 -9.56 -26.52 -22.66
CA VAL B 408 -8.57 -25.68 -22.02
C VAL B 408 -7.20 -26.21 -22.34
N TRP B 409 -6.29 -25.32 -22.69
CA TRP B 409 -4.88 -25.62 -22.83
C TRP B 409 -4.12 -24.55 -22.05
N LEU B 410 -3.26 -24.94 -21.12
CA LEU B 410 -2.58 -24.05 -20.19
C LEU B 410 -1.08 -24.34 -20.21
N ASN B 411 -0.22 -23.33 -20.41
CA ASN B 411 1.23 -23.49 -20.29
C ASN B 411 1.73 -22.59 -19.17
N LEU B 412 2.08 -23.18 -18.03
CA LEU B 412 2.57 -22.37 -16.93
C LEU B 412 3.88 -21.70 -17.27
N GLU B 413 4.70 -22.30 -18.15
CA GLU B 413 6.03 -21.80 -18.40
C GLU B 413 5.98 -20.46 -19.13
N THR B 414 5.09 -20.33 -20.10
CA THR B 414 4.96 -19.08 -20.85
C THR B 414 3.90 -18.18 -20.27
N GLN B 415 3.18 -18.67 -19.25
CA GLN B 415 2.03 -17.96 -18.68
C GLN B 415 1.01 -17.62 -19.74
N THR B 416 0.69 -18.59 -20.58
CA THR B 416 -0.35 -18.40 -21.57
C THR B 416 -1.33 -19.57 -21.56
N ALA B 417 -2.53 -19.32 -22.05
CA ALA B 417 -3.52 -20.35 -22.17
C ALA B 417 -4.36 -20.09 -23.40
N THR B 418 -5.00 -21.14 -23.90
CA THR B 418 -5.94 -21.09 -24.99
C THR B 418 -7.24 -21.69 -24.48
N LEU B 419 -8.32 -20.94 -24.59
CA LEU B 419 -9.64 -21.42 -24.26
C LEU B 419 -10.40 -21.57 -25.58
N THR B 420 -10.70 -22.82 -25.97
CA THR B 420 -11.46 -23.09 -27.19
C THR B 420 -12.91 -23.36 -26.85
N TRP B 421 -13.72 -22.31 -26.95
CA TRP B 421 -15.12 -22.42 -26.64
C TRP B 421 -15.90 -23.05 -27.79
N LYS B 422 -16.90 -23.87 -27.48
CA LYS B 422 -17.84 -24.37 -28.50
C LYS B 422 -19.13 -23.63 -28.28
C5 X6Y C . -7.29 -11.08 2.45
C6 X6Y C . -8.58 -11.77 2.19
C2 X6Y C . -5.67 -9.97 4.51
C4 X6Y C . -7.48 -9.65 2.92
C3 X6Y C . -6.15 -9.11 3.40
C1 X6Y C . -5.38 -11.34 3.96
O5 X6Y C . -6.62 -11.90 3.45
O4 X6Y C . -8.41 -9.53 3.98
O1 X6Y C . -4.43 -11.27 2.95
O3 X6Y C . -6.30 -7.70 3.85
S1 X6Y C . -4.10 -9.58 6.60
O6 X6Y C . -3.63 -10.94 6.82
O7 X6Y C . -5.32 -9.29 7.34
O8 X6Y C . -3.03 -8.59 6.80
O2 X6Y C . -4.44 -9.42 5.04
H5 X6Y C . -6.71 -10.99 1.54
H61 X6Y C . -8.39 -12.73 1.73
H63 X6Y C . -9.11 -11.92 3.13
H62 X6Y C . -9.19 -11.17 1.53
H2 X6Y C . -6.39 -10.00 5.32
H4 X6Y C . -7.89 -9.08 2.10
H3 X6Y C . -5.42 -9.07 2.60
H1 X6Y C . -4.95 -11.99 4.73
HO4 X6Y C . -8.40 -10.31 4.50
HO1 X6Y C . -4.71 -11.75 2.20
C5 X2Y C . -3.73 -6.29 4.12
C4 X2Y C . -4.15 -4.85 4.24
C3 X2Y C . -5.65 -4.75 4.35
C2 X2Y C . -6.31 -5.40 3.14
C1 X2Y C . -5.78 -6.82 2.89
O5 X2Y C . -4.34 -6.86 2.89
C6 X2Y C . -2.26 -6.53 3.97
O3 X2Y C . -6.05 -3.36 4.37
S1 X2Y C . -8.66 -5.26 2.04
O6 X2Y C . -8.24 -6.31 1.06
O7 X2Y C . -8.36 -3.93 1.46
O8 X2Y C . -9.99 -5.40 2.56
O2 X2Y C . -7.72 -5.42 3.38
S2 X2Y C . -2.77 -2.85 3.06
O9 X2Y C . -3.70 -1.68 3.11
O10 X2Y C . -1.96 -3.02 4.29
O11 X2Y C . -2.13 -2.99 1.73
O4 X2Y C . -3.74 -4.18 3.02
H5 X2Y C . -4.02 -6.75 5.06
H4 X2Y C . -3.68 -4.37 5.10
H3 X2Y C . -5.96 -5.22 5.28
H2 X2Y C . -6.11 -4.83 2.25
H1 X2Y C . -6.16 -7.15 1.93
H61 X2Y C . -1.74 -6.18 4.85
H63 X2Y C . -2.08 -7.59 3.85
H62 X2Y C . -1.89 -6.00 3.10
C1 FUC C . -6.37 -2.85 5.62
C2 FUC C . -5.86 -1.37 5.68
C3 FUC C . -6.64 -0.54 4.68
C4 FUC C . -8.08 -0.69 5.00
C5 FUC C . -8.57 -2.15 4.86
C6 FUC C . -9.99 -2.44 5.21
O2 FUC C . -4.48 -1.28 5.39
O3 FUC C . -6.16 0.86 4.76
O4 FUC C . -8.30 -0.15 6.34
O5 FUC C . -7.82 -3.02 5.80
H1 FUC C . -5.90 -3.40 6.43
H2 FUC C . -5.97 -0.99 6.70
H3 FUC C . -6.47 -0.83 3.66
H4 FUC C . -8.69 -0.12 4.30
H5 FUC C . -8.45 -2.36 3.81
H61 FUC C . -10.12 -2.39 6.28
H62 FUC C . -10.26 -3.43 4.86
H63 FUC C . -10.63 -1.71 4.73
HO2 FUC C . -4.28 -1.76 4.58
HO4 FUC C . -7.78 0.63 6.44
C5 X6Y C . -4.44 1.74 2.61
C6 X6Y C . -3.83 1.36 1.31
C2 X6Y C . -6.42 3.13 4.04
C4 X6Y C . -4.26 3.21 2.96
C3 X6Y C . -5.00 3.54 4.19
C1 X6Y C . -6.61 1.66 3.65
O5 X6Y C . -5.87 1.37 2.47
O4 X6Y C . -4.72 4.06 1.85
O3 X6Y C . -5.00 5.00 4.42
S1 X6Y C . -8.57 3.97 5.24
O6 X6Y C . -8.53 5.36 4.68
O7 X6Y C . -9.51 3.08 4.44
O8 X6Y C . -8.94 4.06 6.68
O2 X6Y C . -7.05 3.33 5.30
H5 X6Y C . -3.94 1.19 3.41
H61 X6Y C . -4.41 1.80 0.51
H63 X6Y C . -2.82 1.74 1.27
H62 X6Y C . -3.83 0.29 1.21
H2 X6Y C . -6.87 3.75 3.27
H4 X6Y C . -3.20 3.41 3.10
H3 X6Y C . -4.52 3.04 5.03
H1 X6Y C . -7.64 1.41 3.46
HO4 X6Y C . -4.98 4.90 2.20
HO3 X6Y C . -5.89 5.30 4.53
C5 X6Y D . 5.38 11.72 -0.05
C6 X6Y D . 6.46 12.57 0.59
C2 X6Y D . 2.56 11.52 -0.44
C4 X6Y D . 4.50 11.07 0.99
C3 X6Y D . 3.32 10.45 0.29
C1 X6Y D . 3.49 12.08 -1.50
O5 X6Y D . 4.65 12.67 -0.86
O4 X6Y D . 3.99 11.99 1.96
O1 X6Y D . 3.84 11.08 -2.37
O3 X6Y D . 2.43 9.77 1.26
S1 X6Y D . 0.05 11.86 -1.16
O6 X6Y D . 0.25 12.81 -2.28
O7 X6Y D . -0.97 10.86 -1.46
O8 X6Y D . -0.11 12.54 0.09
O2 X6Y D . 1.39 10.94 -1.06
H5 X6Y D . 5.82 10.91 -0.60
H61 X6Y D . 7.13 11.94 1.17
H63 X6Y D . 6.01 13.32 1.24
H62 X6Y D . 7.03 13.08 -0.19
H2 X6Y D . 2.20 12.29 0.23
H4 X6Y D . 5.09 10.35 1.55
H3 X6Y D . 3.66 9.70 -0.40
H1 X6Y D . 2.99 12.84 -2.10
HO4 X6Y D . 4.69 12.25 2.54
HO1 X6Y D . 4.34 11.44 -3.07
C5 X2Y D . 0.53 7.95 -0.02
C4 X2Y D . -0.02 7.18 1.16
C3 X2Y D . 0.51 7.72 2.45
C2 X2Y D . 2.03 7.69 2.47
C1 X2Y D . 2.61 8.37 1.20
O5 X2Y D . 2.03 7.84 -0.01
C6 X2Y D . 0.04 7.45 -1.35
O3 X2Y D . 0.12 6.87 3.56
S1 X2Y D . 3.97 7.84 4.20
O6 X2Y D . 3.73 6.47 4.58
O7 X2Y D . 4.18 8.74 5.29
O8 X2Y D . 4.92 7.90 3.11
O2 X2Y D . 2.53 8.39 3.61
S2 X2Y D . -0.61 4.55 0.98
O9 X2Y D . -1.92 5.11 0.52
O10 X2Y D . 0.12 3.61 0.12
O11 X2Y D . -0.83 4.20 2.44
O4 X2Y D . 0.48 5.82 1.00
H5 X2Y D . 0.17 8.97 0.07
H4 X2Y D . -1.11 7.23 1.18
H3 X2Y D . 0.11 8.72 2.57
H2 X2Y D . 2.35 6.67 2.53
H1 X2Y D . 3.68 8.20 1.17
H61 X2Y D . 0.17 8.23 -2.09
H63 X2Y D . 0.61 6.57 -1.63
H62 X2Y D . -1.01 7.19 -1.26
C1 FUC D . -0.92 7.38 4.33
C2 FUC D . -1.84 6.20 4.78
C3 FUC D . -0.98 5.32 5.66
C4 FUC D . -0.52 6.16 6.78
C5 FUC D . 0.36 7.32 6.34
C6 FUC D . 0.87 8.27 7.37
O2 FUC D . -2.23 5.41 3.66
O3 FUC D . -1.80 4.15 6.10
O4 FUC D . -1.72 6.54 7.49
O5 FUC D . -0.37 8.21 5.39
H1 FUC D . -1.54 8.06 3.73
H2 FUC D . -2.77 6.57 5.24
H3 FUC D . -0.13 4.90 5.15
H4 FUC D . 0.12 5.63 7.47
H5 FUC D . 1.23 6.81 5.96
H61 FUC D . 1.09 7.73 8.28
H62 FUC D . 1.78 8.76 7.00
H63 FUC D . 0.11 9.02 7.57
HO2 FUC D . -2.91 5.88 3.18
HO4 FUC D . -1.50 7.29 8.04
C5 X6Y D . -1.18 1.56 4.92
C6 X6Y D . -0.28 0.87 3.95
C2 X6Y D . -2.05 2.19 7.47
C4 X6Y D . -2.18 0.64 5.63
C3 X6Y D . -2.95 1.41 6.58
C1 X6Y D . -1.02 3.14 6.79
O5 X6Y D . -0.30 2.36 5.83
O4 X6Y D . -1.50 -0.45 6.34
O3 X6Y D . -3.69 0.45 7.42
S1 X6Y D . -2.46 3.12 9.82
O6 X6Y D . -2.51 1.77 10.51
O7 X6Y D . -1.10 3.79 9.84
O8 X6Y D . -3.51 3.96 10.47
O2 X6Y D . -2.91 2.98 8.24
H5 X6Y D . -1.86 2.20 4.36
H61 X6Y D . 0.20 1.61 3.32
H63 X6Y D . -0.85 0.19 3.34
H62 X6Y D . 0.48 0.33 4.49
H2 X6Y D . -1.45 1.48 8.04
H4 X6Y D . -2.81 0.16 4.89
H3 X6Y D . -3.64 2.09 6.06
H1 X6Y D . -0.35 3.61 7.49
HO4 X6Y D . -2.15 -1.03 6.72
HO3 X6Y D . -4.62 0.65 7.40
#